data_1BZ3
# 
_entry.id   1BZ3 
# 
_audit_conform.dict_name       mmcif_pdbx.dic 
_audit_conform.dict_version    5.392 
_audit_conform.dict_location   http://mmcif.pdb.org/dictionaries/ascii/mmcif_pdbx.dic 
# 
loop_
_database_2.database_id 
_database_2.database_code 
_database_2.pdbx_database_accession 
_database_2.pdbx_DOI 
PDB   1BZ3         pdb_00001bz3 10.2210/pdb1bz3/pdb 
WWPDB D_1000172153 ?            ?                   
# 
loop_
_pdbx_audit_revision_history.ordinal 
_pdbx_audit_revision_history.data_content_type 
_pdbx_audit_revision_history.major_revision 
_pdbx_audit_revision_history.minor_revision 
_pdbx_audit_revision_history.revision_date 
1 'Structure model' 1 0 1999-04-27 
2 'Structure model' 1 1 2008-03-24 
3 'Structure model' 1 2 2011-07-13 
4 'Structure model' 1 3 2022-02-16 
5 'Structure model' 1 4 2024-05-22 
# 
_pdbx_audit_revision_details.ordinal             1 
_pdbx_audit_revision_details.revision_ordinal    1 
_pdbx_audit_revision_details.data_content_type   'Structure model' 
_pdbx_audit_revision_details.provider            repository 
_pdbx_audit_revision_details.type                'Initial release' 
_pdbx_audit_revision_details.description         ? 
_pdbx_audit_revision_details.details             ? 
# 
loop_
_pdbx_audit_revision_group.ordinal 
_pdbx_audit_revision_group.revision_ordinal 
_pdbx_audit_revision_group.data_content_type 
_pdbx_audit_revision_group.group 
1 2 'Structure model' 'Version format compliance' 
2 3 'Structure model' 'Version format compliance' 
3 4 'Structure model' 'Data collection'           
4 4 'Structure model' 'Database references'       
5 4 'Structure model' 'Derived calculations'      
6 4 'Structure model' Other                       
7 5 'Structure model' 'Data collection'           
# 
loop_
_pdbx_audit_revision_category.ordinal 
_pdbx_audit_revision_category.revision_ordinal 
_pdbx_audit_revision_category.data_content_type 
_pdbx_audit_revision_category.category 
1 4 'Structure model' database_2            
2 4 'Structure model' pdbx_database_status  
3 4 'Structure model' pdbx_nmr_software     
4 4 'Structure model' pdbx_struct_assembly  
5 4 'Structure model' pdbx_struct_oper_list 
6 5 'Structure model' chem_comp_atom        
7 5 'Structure model' chem_comp_bond        
# 
loop_
_pdbx_audit_revision_item.ordinal 
_pdbx_audit_revision_item.revision_ordinal 
_pdbx_audit_revision_item.data_content_type 
_pdbx_audit_revision_item.item 
1 4 'Structure model' '_database_2.pdbx_DOI'                
2 4 'Structure model' '_database_2.pdbx_database_accession' 
3 4 'Structure model' '_pdbx_database_status.process_site'  
4 4 'Structure model' '_pdbx_nmr_software.name'             
# 
_pdbx_database_status.status_code                     REL 
_pdbx_database_status.entry_id                        1BZ3 
_pdbx_database_status.recvd_initial_deposition_date   1998-11-05 
_pdbx_database_status.deposit_site                    ? 
_pdbx_database_status.process_site                    BNL 
_pdbx_database_status.status_code_sf                  ? 
_pdbx_database_status.status_code_mr                  REL 
_pdbx_database_status.SG_entry                        ? 
_pdbx_database_status.pdb_format_compatible           Y 
_pdbx_database_status.status_code_cs                  ? 
_pdbx_database_status.status_code_nmr_data            ? 
_pdbx_database_status.methods_development_category    ? 
# 
loop_
_audit_author.name 
_audit_author.pdbx_ordinal 
'Durant, P.C.' 1 
'Davis, D.R.'  2 
# 
_citation.id                        primary 
_citation.title                     
'Stabilization of the anticodon stem-loop of tRNALys,3 by an A+-C base-pair and by pseudouridine.' 
_citation.journal_abbrev            J.Mol.Biol. 
_citation.journal_volume            285 
_citation.page_first                115 
_citation.page_last                 131 
_citation.year                      1999 
_citation.journal_id_ASTM           JMOBAK 
_citation.country                   UK 
_citation.journal_id_ISSN           0022-2836 
_citation.journal_id_CSD            0070 
_citation.book_publisher            ? 
_citation.pdbx_database_id_PubMed   9878393 
_citation.pdbx_database_id_DOI      10.1006/jmbi.1998.2297 
# 
loop_
_citation_author.citation_id 
_citation_author.name 
_citation_author.ordinal 
_citation_author.identifier_ORCID 
primary 'Durant, P.C.' 1 ? 
primary 'Davis, D.R.'  2 ? 
# 
_entity.id                         1 
_entity.type                       polymer 
_entity.src_method                 syn 
_entity.pdbx_description           TRNA 
_entity.formula_weight             5350.189 
_entity.pdbx_number_of_molecules   1 
_entity.pdbx_ec                    ? 
_entity.pdbx_mutation              ? 
_entity.pdbx_fragment              'ANTICODON (RESIDUES 27-43)' 
_entity.details                    ? 
# 
_entity_poly.entity_id                      1 
_entity_poly.type                           polyribonucleotide 
_entity_poly.nstd_linkage                   no 
_entity_poly.nstd_monomer                   no 
_entity_poly.pdbx_seq_one_letter_code       UCAGACUUUUAAUCUGA 
_entity_poly.pdbx_seq_one_letter_code_can   UCAGACUUUUAAUCUGA 
_entity_poly.pdbx_strand_id                 A 
_entity_poly.pdbx_target_identifier         ? 
# 
loop_
_entity_poly_seq.entity_id 
_entity_poly_seq.num 
_entity_poly_seq.mon_id 
_entity_poly_seq.hetero 
1 1  U n 
1 2  C n 
1 3  A n 
1 4  G n 
1 5  A n 
1 6  C n 
1 7  U n 
1 8  U n 
1 9  U n 
1 10 U n 
1 11 A n 
1 12 A n 
1 13 U n 
1 14 C n 
1 15 U n 
1 16 G n 
1 17 A n 
# 
loop_
_chem_comp.id 
_chem_comp.type 
_chem_comp.mon_nstd_flag 
_chem_comp.name 
_chem_comp.pdbx_synonyms 
_chem_comp.formula 
_chem_comp.formula_weight 
A 'RNA linking' y "ADENOSINE-5'-MONOPHOSPHATE" ? 'C10 H14 N5 O7 P' 347.221 
C 'RNA linking' y "CYTIDINE-5'-MONOPHOSPHATE"  ? 'C9 H14 N3 O8 P'  323.197 
G 'RNA linking' y "GUANOSINE-5'-MONOPHOSPHATE" ? 'C10 H14 N5 O8 P' 363.221 
U 'RNA linking' y "URIDINE-5'-MONOPHOSPHATE"   ? 'C9 H13 N2 O9 P'  324.181 
# 
loop_
_pdbx_poly_seq_scheme.asym_id 
_pdbx_poly_seq_scheme.entity_id 
_pdbx_poly_seq_scheme.seq_id 
_pdbx_poly_seq_scheme.mon_id 
_pdbx_poly_seq_scheme.ndb_seq_num 
_pdbx_poly_seq_scheme.pdb_seq_num 
_pdbx_poly_seq_scheme.auth_seq_num 
_pdbx_poly_seq_scheme.pdb_mon_id 
_pdbx_poly_seq_scheme.auth_mon_id 
_pdbx_poly_seq_scheme.pdb_strand_id 
_pdbx_poly_seq_scheme.pdb_ins_code 
_pdbx_poly_seq_scheme.hetero 
A 1 1  U 1  27 27 U U A . n 
A 1 2  C 2  28 28 C C A . n 
A 1 3  A 3  29 29 A A A . n 
A 1 4  G 4  30 30 G G A . n 
A 1 5  A 5  31 31 A A A . n 
A 1 6  C 6  32 32 C C A . n 
A 1 7  U 7  33 33 U U A . n 
A 1 8  U 8  34 34 U U A . n 
A 1 9  U 9  35 35 U U A . n 
A 1 10 U 10 36 36 U U A . n 
A 1 11 A 11 37 37 A A A . n 
A 1 12 A 12 38 38 A A A . n 
A 1 13 U 13 39 39 U U A . n 
A 1 14 C 14 40 40 C C A . n 
A 1 15 U 15 41 41 U U A . n 
A 1 16 G 16 42 42 G G A . n 
A 1 17 A 17 43 43 A A A . n 
# 
loop_
_software.name 
_software.classification 
_software.version 
_software.citation_id 
_software.pdbx_ordinal 
VNMR  'model building' . ? 1 
AMBER refinement       . ? 2 
VNMR  phasing          . ? 3 
# 
_cell.entry_id           1BZ3 
_cell.length_a           1.000 
_cell.length_b           1.000 
_cell.length_c           1.000 
_cell.angle_alpha        90.00 
_cell.angle_beta         90.00 
_cell.angle_gamma        90.00 
_cell.Z_PDB              1 
_cell.pdbx_unique_axis   ? 
# 
_symmetry.entry_id                         1BZ3 
_symmetry.space_group_name_H-M             'P 1' 
_symmetry.pdbx_full_space_group_name_H-M   ? 
_symmetry.cell_setting                     ? 
_symmetry.Int_Tables_number                1 
# 
_exptl.entry_id          1BZ3 
_exptl.method            'SOLUTION NMR' 
_exptl.crystals_number   ? 
# 
_struct.entry_id                  1BZ3 
_struct.title                     
'STABILIZATION OF THE ANTICODON STEM-LOOP OF TRNALYS,3 BY AN A+C BASE PAIR AND BY PSEUDOURIDINE, NMR, 1 STRUCTURE' 
_struct.pdbx_model_details        ? 
_struct.pdbx_CASP_flag            ? 
_struct.pdbx_model_type_details   ? 
# 
_struct_keywords.entry_id        1BZ3 
_struct_keywords.pdbx_keywords   RNA 
_struct_keywords.text            'TRNA, PSEUDOURIDINE, ANTICODON, RNA' 
# 
_struct_asym.id                            A 
_struct_asym.pdbx_blank_PDB_chainid_flag   N 
_struct_asym.pdbx_modified                 N 
_struct_asym.entity_id                     1 
_struct_asym.details                       ? 
# 
_struct_ref.id                         1 
_struct_ref.entity_id                  1 
_struct_ref.db_name                    PDB 
_struct_ref.db_code                    1BZ3 
_struct_ref.pdbx_db_accession          1BZ3 
_struct_ref.pdbx_db_isoform            ? 
_struct_ref.pdbx_seq_one_letter_code   ? 
_struct_ref.pdbx_align_begin           ? 
# 
_struct_ref_seq.align_id                      1 
_struct_ref_seq.ref_id                        1 
_struct_ref_seq.pdbx_PDB_id_code              1BZ3 
_struct_ref_seq.pdbx_strand_id                A 
_struct_ref_seq.seq_align_beg                 1 
_struct_ref_seq.pdbx_seq_align_beg_ins_code   ? 
_struct_ref_seq.seq_align_end                 17 
_struct_ref_seq.pdbx_seq_align_end_ins_code   ? 
_struct_ref_seq.pdbx_db_accession             1BZ3 
_struct_ref_seq.db_align_beg                  27 
_struct_ref_seq.pdbx_db_align_beg_ins_code    ? 
_struct_ref_seq.db_align_end                  43 
_struct_ref_seq.pdbx_db_align_end_ins_code    ? 
_struct_ref_seq.pdbx_auth_seq_align_beg       27 
_struct_ref_seq.pdbx_auth_seq_align_end       43 
# 
_pdbx_struct_assembly.id                   1 
_pdbx_struct_assembly.details              author_defined_assembly 
_pdbx_struct_assembly.method_details       ? 
_pdbx_struct_assembly.oligomeric_details   monomeric 
_pdbx_struct_assembly.oligomeric_count     1 
# 
_pdbx_struct_assembly_gen.assembly_id       1 
_pdbx_struct_assembly_gen.oper_expression   1 
_pdbx_struct_assembly_gen.asym_id_list      A 
# 
_pdbx_struct_oper_list.id                   1 
_pdbx_struct_oper_list.type                 'identity operation' 
_pdbx_struct_oper_list.name                 1_555 
_pdbx_struct_oper_list.symmetry_operation   x,y,z 
_pdbx_struct_oper_list.matrix[1][1]         1.0000000000 
_pdbx_struct_oper_list.matrix[1][2]         0.0000000000 
_pdbx_struct_oper_list.matrix[1][3]         0.0000000000 
_pdbx_struct_oper_list.vector[1]            0.0000000000 
_pdbx_struct_oper_list.matrix[2][1]         0.0000000000 
_pdbx_struct_oper_list.matrix[2][2]         1.0000000000 
_pdbx_struct_oper_list.matrix[2][3]         0.0000000000 
_pdbx_struct_oper_list.vector[2]            0.0000000000 
_pdbx_struct_oper_list.matrix[3][1]         0.0000000000 
_pdbx_struct_oper_list.matrix[3][2]         0.0000000000 
_pdbx_struct_oper_list.matrix[3][3]         1.0000000000 
_pdbx_struct_oper_list.vector[3]            0.0000000000 
# 
_struct_biol.id   1 
# 
loop_
_struct_conn.id 
_struct_conn.conn_type_id 
_struct_conn.pdbx_leaving_atom_flag 
_struct_conn.pdbx_PDB_id 
_struct_conn.ptnr1_label_asym_id 
_struct_conn.ptnr1_label_comp_id 
_struct_conn.ptnr1_label_seq_id 
_struct_conn.ptnr1_label_atom_id 
_struct_conn.pdbx_ptnr1_label_alt_id 
_struct_conn.pdbx_ptnr1_PDB_ins_code 
_struct_conn.pdbx_ptnr1_standard_comp_id 
_struct_conn.ptnr1_symmetry 
_struct_conn.ptnr2_label_asym_id 
_struct_conn.ptnr2_label_comp_id 
_struct_conn.ptnr2_label_seq_id 
_struct_conn.ptnr2_label_atom_id 
_struct_conn.pdbx_ptnr2_label_alt_id 
_struct_conn.pdbx_ptnr2_PDB_ins_code 
_struct_conn.ptnr1_auth_asym_id 
_struct_conn.ptnr1_auth_comp_id 
_struct_conn.ptnr1_auth_seq_id 
_struct_conn.ptnr2_auth_asym_id 
_struct_conn.ptnr2_auth_comp_id 
_struct_conn.ptnr2_auth_seq_id 
_struct_conn.ptnr2_symmetry 
_struct_conn.pdbx_ptnr3_label_atom_id 
_struct_conn.pdbx_ptnr3_label_seq_id 
_struct_conn.pdbx_ptnr3_label_comp_id 
_struct_conn.pdbx_ptnr3_label_asym_id 
_struct_conn.pdbx_ptnr3_label_alt_id 
_struct_conn.pdbx_ptnr3_PDB_ins_code 
_struct_conn.details 
_struct_conn.pdbx_dist_value 
_struct_conn.pdbx_value_order 
_struct_conn.pdbx_role 
hydrog1  hydrog ? ? A U 1 N3 ? ? ? 1_555 A A 17 N1 ? ? A U 27 A A 43 1_555 ? ? ? ? ? ? WATSON-CRICK  ? ? ? 
hydrog2  hydrog ? ? A U 1 O4 ? ? ? 1_555 A A 17 N6 ? ? A U 27 A A 43 1_555 ? ? ? ? ? ? WATSON-CRICK  ? ? ? 
hydrog3  hydrog ? ? A C 2 N3 ? ? ? 1_555 A G 16 N1 ? ? A C 28 A G 42 1_555 ? ? ? ? ? ? WATSON-CRICK  ? ? ? 
hydrog4  hydrog ? ? A C 2 N4 ? ? ? 1_555 A G 16 O6 ? ? A C 28 A G 42 1_555 ? ? ? ? ? ? WATSON-CRICK  ? ? ? 
hydrog5  hydrog ? ? A C 2 O2 ? ? ? 1_555 A G 16 N2 ? ? A C 28 A G 42 1_555 ? ? ? ? ? ? WATSON-CRICK  ? ? ? 
hydrog6  hydrog ? ? A A 3 N1 ? ? ? 1_555 A U 15 N3 ? ? A A 29 A U 41 1_555 ? ? ? ? ? ? WATSON-CRICK  ? ? ? 
hydrog7  hydrog ? ? A A 3 N6 ? ? ? 1_555 A U 15 O4 ? ? A A 29 A U 41 1_555 ? ? ? ? ? ? WATSON-CRICK  ? ? ? 
hydrog8  hydrog ? ? A G 4 N1 ? ? ? 1_555 A C 14 N3 ? ? A G 30 A C 40 1_555 ? ? ? ? ? ? WATSON-CRICK  ? ? ? 
hydrog9  hydrog ? ? A G 4 N2 ? ? ? 1_555 A C 14 O2 ? ? A G 30 A C 40 1_555 ? ? ? ? ? ? WATSON-CRICK  ? ? ? 
hydrog10 hydrog ? ? A G 4 O6 ? ? ? 1_555 A C 14 N4 ? ? A G 30 A C 40 1_555 ? ? ? ? ? ? WATSON-CRICK  ? ? ? 
hydrog11 hydrog ? ? A A 5 N1 ? ? ? 1_555 A U 13 N3 ? ? A A 31 A U 39 1_555 ? ? ? ? ? ? WATSON-CRICK  ? ? ? 
hydrog12 hydrog ? ? A A 5 N6 ? ? ? 1_555 A U 13 O4 ? ? A A 31 A U 39 1_555 ? ? ? ? ? ? WATSON-CRICK  ? ? ? 
hydrog13 hydrog ? ? A C 6 N3 ? ? ? 1_555 A A 12 N6 ? ? A C 32 A A 38 1_555 ? ? ? ? ? ? 'C-A MISPAIR' ? ? ? 
hydrog14 hydrog ? ? A U 7 N3 ? ? ? 1_555 A A 11 N1 ? ? A U 33 A A 37 1_555 ? ? ? ? ? ? WATSON-CRICK  ? ? ? 
hydrog15 hydrog ? ? A U 7 O4 ? ? ? 1_555 A A 11 N6 ? ? A U 33 A A 37 1_555 ? ? ? ? ? ? WATSON-CRICK  ? ? ? 
# 
_struct_conn_type.id          hydrog 
_struct_conn_type.criteria    ? 
_struct_conn_type.reference   ? 
# 
_pdbx_validate_close_contact.id               1 
_pdbx_validate_close_contact.PDB_model_num    1 
_pdbx_validate_close_contact.auth_atom_id_1   "HO2'" 
_pdbx_validate_close_contact.auth_asym_id_1   A 
_pdbx_validate_close_contact.auth_comp_id_1   U 
_pdbx_validate_close_contact.auth_seq_id_1    35 
_pdbx_validate_close_contact.PDB_ins_code_1   ? 
_pdbx_validate_close_contact.label_alt_id_1   ? 
_pdbx_validate_close_contact.auth_atom_id_2   OP2 
_pdbx_validate_close_contact.auth_asym_id_2   A 
_pdbx_validate_close_contact.auth_comp_id_2   U 
_pdbx_validate_close_contact.auth_seq_id_2    36 
_pdbx_validate_close_contact.PDB_ins_code_2   ? 
_pdbx_validate_close_contact.label_alt_id_2   ? 
_pdbx_validate_close_contact.dist             1.55 
# 
loop_
_pdbx_validate_rmsd_angle.id 
_pdbx_validate_rmsd_angle.PDB_model_num 
_pdbx_validate_rmsd_angle.auth_atom_id_1 
_pdbx_validate_rmsd_angle.auth_asym_id_1 
_pdbx_validate_rmsd_angle.auth_comp_id_1 
_pdbx_validate_rmsd_angle.auth_seq_id_1 
_pdbx_validate_rmsd_angle.PDB_ins_code_1 
_pdbx_validate_rmsd_angle.label_alt_id_1 
_pdbx_validate_rmsd_angle.auth_atom_id_2 
_pdbx_validate_rmsd_angle.auth_asym_id_2 
_pdbx_validate_rmsd_angle.auth_comp_id_2 
_pdbx_validate_rmsd_angle.auth_seq_id_2 
_pdbx_validate_rmsd_angle.PDB_ins_code_2 
_pdbx_validate_rmsd_angle.label_alt_id_2 
_pdbx_validate_rmsd_angle.auth_atom_id_3 
_pdbx_validate_rmsd_angle.auth_asym_id_3 
_pdbx_validate_rmsd_angle.auth_comp_id_3 
_pdbx_validate_rmsd_angle.auth_seq_id_3 
_pdbx_validate_rmsd_angle.PDB_ins_code_3 
_pdbx_validate_rmsd_angle.label_alt_id_3 
_pdbx_validate_rmsd_angle.angle_value 
_pdbx_validate_rmsd_angle.angle_target_value 
_pdbx_validate_rmsd_angle.angle_deviation 
_pdbx_validate_rmsd_angle.angle_standard_deviation 
_pdbx_validate_rmsd_angle.linker_flag 
1  1 "O4'" A U 27 ? ? "C1'" A U 27 ? ? N1    A U 27 ? ? 113.23 108.50 4.73  0.70 N 
2  1 "O4'" A U 34 ? ? "C1'" A U 34 ? ? N1    A U 34 ? ? 102.50 108.20 -5.70 0.80 N 
3  1 "O4'" A U 36 ? ? "C1'" A U 36 ? ? N1    A U 36 ? ? 113.75 108.50 5.25  0.70 N 
4  1 "O5'" A A 37 ? ? "C5'" A A 37 ? ? "C4'" A A 37 ? ? 100.49 109.40 -8.91 0.80 N 
5  1 "C3'" A A 37 ? ? "C2'" A A 37 ? ? "C1'" A A 37 ? ? 108.27 101.50 6.77  0.80 N 
6  1 N9    A A 37 ? ? "C1'" A A 37 ? ? "C2'" A A 37 ? ? 105.23 112.00 -6.77 1.10 N 
7  1 "O4'" A A 37 ? ? "C1'" A A 37 ? ? N9    A A 37 ? ? 114.01 108.50 5.51  0.70 N 
8  1 "O4'" A A 38 ? ? "C1'" A A 38 ? ? N9    A A 38 ? ? 113.41 108.50 4.91  0.70 N 
9  1 C8    A A 38 ? ? N9    A A 38 ? ? C4    A A 38 ? ? 108.66 105.80 2.86  0.40 N 
10 1 "O4'" A U 39 ? ? "C1'" A U 39 ? ? N1    A U 39 ? ? 112.91 108.50 4.41  0.70 N 
# 
_pdbx_validate_planes.id              1 
_pdbx_validate_planes.PDB_model_num   1 
_pdbx_validate_planes.auth_comp_id    C 
_pdbx_validate_planes.auth_asym_id    A 
_pdbx_validate_planes.auth_seq_id     32 
_pdbx_validate_planes.PDB_ins_code    ? 
_pdbx_validate_planes.label_alt_id    ? 
_pdbx_validate_planes.rmsd            0.058 
_pdbx_validate_planes.type            'SIDE CHAIN' 
# 
_pdbx_nmr_ensemble.entry_id                             1BZ3 
_pdbx_nmr_ensemble.conformers_calculated_total_number   60 
_pdbx_nmr_ensemble.conformers_submitted_total_number    1 
_pdbx_nmr_ensemble.conformer_selection_criteria         'LEAST RESTRAINT VIOLATION' 
# 
_pdbx_nmr_sample_details.solution_id   1 
_pdbx_nmr_sample_details.contents      H2O/D2O 
# 
_pdbx_nmr_exptl_sample_conditions.conditions_id       1 
_pdbx_nmr_exptl_sample_conditions.temperature         303 
_pdbx_nmr_exptl_sample_conditions.pressure            ? 
_pdbx_nmr_exptl_sample_conditions.pH                  5 
_pdbx_nmr_exptl_sample_conditions.ionic_strength      '100 mM NACL' 
_pdbx_nmr_exptl_sample_conditions.pressure_units      . 
_pdbx_nmr_exptl_sample_conditions.temperature_units   K 
# 
loop_
_pdbx_nmr_exptl.experiment_id 
_pdbx_nmr_exptl.conditions_id 
_pdbx_nmr_exptl.type 
_pdbx_nmr_exptl.solution_id 
1 1 NOESY                       1 
2 1 ROESY                       1 
3 1 TOCSY                       1 
4 1 HMQC                        1 
5 1 '1H-31P COSY'               1 
6 1 '1H-31P HETERO-TOCSY-TOCSY' 1 
7 1 DQCOSY                      1 
# 
_pdbx_nmr_details.entry_id   1BZ3 
_pdbx_nmr_details.text       
;LOWEST RMSD DIFFERENCE FROM AVERAGE STRUCTURE. STRUCTURE WAS DETERMINED USING RESTRAINTS FROM HOMONUCLEAR ROESY, DQCOSY AND NOESY DATA. ASSIGNMENTS WERE MADE WITH A COMBINATION OF ROESY, NOESY, TOCSY, 1H-13C HMQC AND 1H-31P.
;
# 
_pdbx_nmr_refine.entry_id           1BZ3 
_pdbx_nmr_refine.method             'molecular dynamics' 
_pdbx_nmr_refine.details            'AMBER FORCEFIELD' 
_pdbx_nmr_refine.software_ordinal   1 
# 
loop_
_pdbx_nmr_software.classification 
_pdbx_nmr_software.name 
_pdbx_nmr_software.version 
_pdbx_nmr_software.authors 
_pdbx_nmr_software.ordinal 
refinement           Discover 95 MSI 1 
'structure solution' VNMR     ?  ?   2 
'structure solution' Felix    ?  ?   3 
'structure solution' Discover ?  ?   4 
# 
loop_
_chem_comp_atom.comp_id 
_chem_comp_atom.atom_id 
_chem_comp_atom.type_symbol 
_chem_comp_atom.pdbx_aromatic_flag 
_chem_comp_atom.pdbx_stereo_config 
_chem_comp_atom.pdbx_ordinal 
A OP3    O N N 1   
A P      P N N 2   
A OP1    O N N 3   
A OP2    O N N 4   
A "O5'"  O N N 5   
A "C5'"  C N N 6   
A "C4'"  C N R 7   
A "O4'"  O N N 8   
A "C3'"  C N S 9   
A "O3'"  O N N 10  
A "C2'"  C N R 11  
A "O2'"  O N N 12  
A "C1'"  C N R 13  
A N9     N Y N 14  
A C8     C Y N 15  
A N7     N Y N 16  
A C5     C Y N 17  
A C6     C Y N 18  
A N6     N N N 19  
A N1     N Y N 20  
A C2     C Y N 21  
A N3     N Y N 22  
A C4     C Y N 23  
A HOP3   H N N 24  
A HOP2   H N N 25  
A "H5'"  H N N 26  
A "H5''" H N N 27  
A "H4'"  H N N 28  
A "H3'"  H N N 29  
A "HO3'" H N N 30  
A "H2'"  H N N 31  
A "HO2'" H N N 32  
A "H1'"  H N N 33  
A H8     H N N 34  
A H61    H N N 35  
A H62    H N N 36  
A H2     H N N 37  
C OP3    O N N 38  
C P      P N N 39  
C OP1    O N N 40  
C OP2    O N N 41  
C "O5'"  O N N 42  
C "C5'"  C N N 43  
C "C4'"  C N R 44  
C "O4'"  O N N 45  
C "C3'"  C N S 46  
C "O3'"  O N N 47  
C "C2'"  C N R 48  
C "O2'"  O N N 49  
C "C1'"  C N R 50  
C N1     N N N 51  
C C2     C N N 52  
C O2     O N N 53  
C N3     N N N 54  
C C4     C N N 55  
C N4     N N N 56  
C C5     C N N 57  
C C6     C N N 58  
C HOP3   H N N 59  
C HOP2   H N N 60  
C "H5'"  H N N 61  
C "H5''" H N N 62  
C "H4'"  H N N 63  
C "H3'"  H N N 64  
C "HO3'" H N N 65  
C "H2'"  H N N 66  
C "HO2'" H N N 67  
C "H1'"  H N N 68  
C H41    H N N 69  
C H42    H N N 70  
C H5     H N N 71  
C H6     H N N 72  
G OP3    O N N 73  
G P      P N N 74  
G OP1    O N N 75  
G OP2    O N N 76  
G "O5'"  O N N 77  
G "C5'"  C N N 78  
G "C4'"  C N R 79  
G "O4'"  O N N 80  
G "C3'"  C N S 81  
G "O3'"  O N N 82  
G "C2'"  C N R 83  
G "O2'"  O N N 84  
G "C1'"  C N R 85  
G N9     N Y N 86  
G C8     C Y N 87  
G N7     N Y N 88  
G C5     C Y N 89  
G C6     C N N 90  
G O6     O N N 91  
G N1     N N N 92  
G C2     C N N 93  
G N2     N N N 94  
G N3     N N N 95  
G C4     C Y N 96  
G HOP3   H N N 97  
G HOP2   H N N 98  
G "H5'"  H N N 99  
G "H5''" H N N 100 
G "H4'"  H N N 101 
G "H3'"  H N N 102 
G "HO3'" H N N 103 
G "H2'"  H N N 104 
G "HO2'" H N N 105 
G "H1'"  H N N 106 
G H8     H N N 107 
G H1     H N N 108 
G H21    H N N 109 
G H22    H N N 110 
U OP3    O N N 111 
U P      P N N 112 
U OP1    O N N 113 
U OP2    O N N 114 
U "O5'"  O N N 115 
U "C5'"  C N N 116 
U "C4'"  C N R 117 
U "O4'"  O N N 118 
U "C3'"  C N S 119 
U "O3'"  O N N 120 
U "C2'"  C N R 121 
U "O2'"  O N N 122 
U "C1'"  C N R 123 
U N1     N N N 124 
U C2     C N N 125 
U O2     O N N 126 
U N3     N N N 127 
U C4     C N N 128 
U O4     O N N 129 
U C5     C N N 130 
U C6     C N N 131 
U HOP3   H N N 132 
U HOP2   H N N 133 
U "H5'"  H N N 134 
U "H5''" H N N 135 
U "H4'"  H N N 136 
U "H3'"  H N N 137 
U "HO3'" H N N 138 
U "H2'"  H N N 139 
U "HO2'" H N N 140 
U "H1'"  H N N 141 
U H3     H N N 142 
U H5     H N N 143 
U H6     H N N 144 
# 
loop_
_chem_comp_bond.comp_id 
_chem_comp_bond.atom_id_1 
_chem_comp_bond.atom_id_2 
_chem_comp_bond.value_order 
_chem_comp_bond.pdbx_aromatic_flag 
_chem_comp_bond.pdbx_stereo_config 
_chem_comp_bond.pdbx_ordinal 
A OP3   P      sing N N 1   
A OP3   HOP3   sing N N 2   
A P     OP1    doub N N 3   
A P     OP2    sing N N 4   
A P     "O5'"  sing N N 5   
A OP2   HOP2   sing N N 6   
A "O5'" "C5'"  sing N N 7   
A "C5'" "C4'"  sing N N 8   
A "C5'" "H5'"  sing N N 9   
A "C5'" "H5''" sing N N 10  
A "C4'" "O4'"  sing N N 11  
A "C4'" "C3'"  sing N N 12  
A "C4'" "H4'"  sing N N 13  
A "O4'" "C1'"  sing N N 14  
A "C3'" "O3'"  sing N N 15  
A "C3'" "C2'"  sing N N 16  
A "C3'" "H3'"  sing N N 17  
A "O3'" "HO3'" sing N N 18  
A "C2'" "O2'"  sing N N 19  
A "C2'" "C1'"  sing N N 20  
A "C2'" "H2'"  sing N N 21  
A "O2'" "HO2'" sing N N 22  
A "C1'" N9     sing N N 23  
A "C1'" "H1'"  sing N N 24  
A N9    C8     sing Y N 25  
A N9    C4     sing Y N 26  
A C8    N7     doub Y N 27  
A C8    H8     sing N N 28  
A N7    C5     sing Y N 29  
A C5    C6     sing Y N 30  
A C5    C4     doub Y N 31  
A C6    N6     sing N N 32  
A C6    N1     doub Y N 33  
A N6    H61    sing N N 34  
A N6    H62    sing N N 35  
A N1    C2     sing Y N 36  
A C2    N3     doub Y N 37  
A C2    H2     sing N N 38  
A N3    C4     sing Y N 39  
C OP3   P      sing N N 40  
C OP3   HOP3   sing N N 41  
C P     OP1    doub N N 42  
C P     OP2    sing N N 43  
C P     "O5'"  sing N N 44  
C OP2   HOP2   sing N N 45  
C "O5'" "C5'"  sing N N 46  
C "C5'" "C4'"  sing N N 47  
C "C5'" "H5'"  sing N N 48  
C "C5'" "H5''" sing N N 49  
C "C4'" "O4'"  sing N N 50  
C "C4'" "C3'"  sing N N 51  
C "C4'" "H4'"  sing N N 52  
C "O4'" "C1'"  sing N N 53  
C "C3'" "O3'"  sing N N 54  
C "C3'" "C2'"  sing N N 55  
C "C3'" "H3'"  sing N N 56  
C "O3'" "HO3'" sing N N 57  
C "C2'" "O2'"  sing N N 58  
C "C2'" "C1'"  sing N N 59  
C "C2'" "H2'"  sing N N 60  
C "O2'" "HO2'" sing N N 61  
C "C1'" N1     sing N N 62  
C "C1'" "H1'"  sing N N 63  
C N1    C2     sing N N 64  
C N1    C6     sing N N 65  
C C2    O2     doub N N 66  
C C2    N3     sing N N 67  
C N3    C4     doub N N 68  
C C4    N4     sing N N 69  
C C4    C5     sing N N 70  
C N4    H41    sing N N 71  
C N4    H42    sing N N 72  
C C5    C6     doub N N 73  
C C5    H5     sing N N 74  
C C6    H6     sing N N 75  
G OP3   P      sing N N 76  
G OP3   HOP3   sing N N 77  
G P     OP1    doub N N 78  
G P     OP2    sing N N 79  
G P     "O5'"  sing N N 80  
G OP2   HOP2   sing N N 81  
G "O5'" "C5'"  sing N N 82  
G "C5'" "C4'"  sing N N 83  
G "C5'" "H5'"  sing N N 84  
G "C5'" "H5''" sing N N 85  
G "C4'" "O4'"  sing N N 86  
G "C4'" "C3'"  sing N N 87  
G "C4'" "H4'"  sing N N 88  
G "O4'" "C1'"  sing N N 89  
G "C3'" "O3'"  sing N N 90  
G "C3'" "C2'"  sing N N 91  
G "C3'" "H3'"  sing N N 92  
G "O3'" "HO3'" sing N N 93  
G "C2'" "O2'"  sing N N 94  
G "C2'" "C1'"  sing N N 95  
G "C2'" "H2'"  sing N N 96  
G "O2'" "HO2'" sing N N 97  
G "C1'" N9     sing N N 98  
G "C1'" "H1'"  sing N N 99  
G N9    C8     sing Y N 100 
G N9    C4     sing Y N 101 
G C8    N7     doub Y N 102 
G C8    H8     sing N N 103 
G N7    C5     sing Y N 104 
G C5    C6     sing N N 105 
G C5    C4     doub Y N 106 
G C6    O6     doub N N 107 
G C6    N1     sing N N 108 
G N1    C2     sing N N 109 
G N1    H1     sing N N 110 
G C2    N2     sing N N 111 
G C2    N3     doub N N 112 
G N2    H21    sing N N 113 
G N2    H22    sing N N 114 
G N3    C4     sing N N 115 
U OP3   P      sing N N 116 
U OP3   HOP3   sing N N 117 
U P     OP1    doub N N 118 
U P     OP2    sing N N 119 
U P     "O5'"  sing N N 120 
U OP2   HOP2   sing N N 121 
U "O5'" "C5'"  sing N N 122 
U "C5'" "C4'"  sing N N 123 
U "C5'" "H5'"  sing N N 124 
U "C5'" "H5''" sing N N 125 
U "C4'" "O4'"  sing N N 126 
U "C4'" "C3'"  sing N N 127 
U "C4'" "H4'"  sing N N 128 
U "O4'" "C1'"  sing N N 129 
U "C3'" "O3'"  sing N N 130 
U "C3'" "C2'"  sing N N 131 
U "C3'" "H3'"  sing N N 132 
U "O3'" "HO3'" sing N N 133 
U "C2'" "O2'"  sing N N 134 
U "C2'" "C1'"  sing N N 135 
U "C2'" "H2'"  sing N N 136 
U "O2'" "HO2'" sing N N 137 
U "C1'" N1     sing N N 138 
U "C1'" "H1'"  sing N N 139 
U N1    C2     sing N N 140 
U N1    C6     sing N N 141 
U C2    O2     doub N N 142 
U C2    N3     sing N N 143 
U N3    C4     sing N N 144 
U N3    H3     sing N N 145 
U C4    O4     doub N N 146 
U C4    C5     sing N N 147 
U C5    C6     doub N N 148 
U C5    H5     sing N N 149 
U C6    H6     sing N N 150 
# 
loop_
_ndb_struct_conf_na.entry_id 
_ndb_struct_conf_na.feature 
1BZ3 'a-form double helix'  
1BZ3 'hairpin loop'         
1BZ3 'mismatched base pair' 
# 
loop_
_ndb_struct_na_base_pair.model_number 
_ndb_struct_na_base_pair.i_label_asym_id 
_ndb_struct_na_base_pair.i_label_comp_id 
_ndb_struct_na_base_pair.i_label_seq_id 
_ndb_struct_na_base_pair.i_symmetry 
_ndb_struct_na_base_pair.j_label_asym_id 
_ndb_struct_na_base_pair.j_label_comp_id 
_ndb_struct_na_base_pair.j_label_seq_id 
_ndb_struct_na_base_pair.j_symmetry 
_ndb_struct_na_base_pair.shear 
_ndb_struct_na_base_pair.stretch 
_ndb_struct_na_base_pair.stagger 
_ndb_struct_na_base_pair.buckle 
_ndb_struct_na_base_pair.propeller 
_ndb_struct_na_base_pair.opening 
_ndb_struct_na_base_pair.pair_number 
_ndb_struct_na_base_pair.pair_name 
_ndb_struct_na_base_pair.i_auth_asym_id 
_ndb_struct_na_base_pair.i_auth_seq_id 
_ndb_struct_na_base_pair.i_PDB_ins_code 
_ndb_struct_na_base_pair.j_auth_asym_id 
_ndb_struct_na_base_pair.j_auth_seq_id 
_ndb_struct_na_base_pair.j_PDB_ins_code 
_ndb_struct_na_base_pair.hbond_type_28 
_ndb_struct_na_base_pair.hbond_type_12 
1 A U 1 1_555 A A 17 1_555 -0.901 -0.147 -0.392 -12.464 -11.906 1.008  1 A_U27:A43_A A 27 ? A 43 ? 20 1 
1 A C 2 1_555 A G 16 1_555 0.968  -0.542 0.345  2.411   -16.629 -5.966 2 A_C28:G42_A A 28 ? A 42 ? 19 1 
1 A A 3 1_555 A U 15 1_555 -0.519 -0.620 -1.244 -4.672  5.754   -8.856 3 A_A29:U41_A A 29 ? A 41 ? 20 1 
1 A G 4 1_555 A C 14 1_555 0.601  -0.124 -0.203 -0.897  -21.526 3.087  4 A_G30:C40_A A 30 ? A 40 ? 19 1 
1 A A 5 1_555 A U 13 1_555 -1.083 -0.337 0.425  0.451   -21.434 -1.422 5 A_A31:U39_A A 31 ? A 39 ? 20 1 
1 A C 6 1_555 A A 12 1_555 1.420  -0.552 0.763  3.994   -15.786 0.228  6 A_C32:A38_A A 32 ? A 38 ? ?  1 
1 A U 7 1_555 A A 11 1_555 -0.733 -0.008 0.176  31.339  -27.506 1.262  7 A_U33:A37_A A 33 ? A 37 ? 20 1 
# 
loop_
_ndb_struct_na_base_pair_step.model_number 
_ndb_struct_na_base_pair_step.i_label_asym_id_1 
_ndb_struct_na_base_pair_step.i_label_comp_id_1 
_ndb_struct_na_base_pair_step.i_label_seq_id_1 
_ndb_struct_na_base_pair_step.i_symmetry_1 
_ndb_struct_na_base_pair_step.j_label_asym_id_1 
_ndb_struct_na_base_pair_step.j_label_comp_id_1 
_ndb_struct_na_base_pair_step.j_label_seq_id_1 
_ndb_struct_na_base_pair_step.j_symmetry_1 
_ndb_struct_na_base_pair_step.i_label_asym_id_2 
_ndb_struct_na_base_pair_step.i_label_comp_id_2 
_ndb_struct_na_base_pair_step.i_label_seq_id_2 
_ndb_struct_na_base_pair_step.i_symmetry_2 
_ndb_struct_na_base_pair_step.j_label_asym_id_2 
_ndb_struct_na_base_pair_step.j_label_comp_id_2 
_ndb_struct_na_base_pair_step.j_label_seq_id_2 
_ndb_struct_na_base_pair_step.j_symmetry_2 
_ndb_struct_na_base_pair_step.shift 
_ndb_struct_na_base_pair_step.slide 
_ndb_struct_na_base_pair_step.rise 
_ndb_struct_na_base_pair_step.tilt 
_ndb_struct_na_base_pair_step.roll 
_ndb_struct_na_base_pair_step.twist 
_ndb_struct_na_base_pair_step.x_displacement 
_ndb_struct_na_base_pair_step.y_displacement 
_ndb_struct_na_base_pair_step.helical_rise 
_ndb_struct_na_base_pair_step.inclination 
_ndb_struct_na_base_pair_step.tip 
_ndb_struct_na_base_pair_step.helical_twist 
_ndb_struct_na_base_pair_step.step_number 
_ndb_struct_na_base_pair_step.step_name 
_ndb_struct_na_base_pair_step.i_auth_asym_id_1 
_ndb_struct_na_base_pair_step.i_auth_seq_id_1 
_ndb_struct_na_base_pair_step.i_PDB_ins_code_1 
_ndb_struct_na_base_pair_step.j_auth_asym_id_1 
_ndb_struct_na_base_pair_step.j_auth_seq_id_1 
_ndb_struct_na_base_pair_step.j_PDB_ins_code_1 
_ndb_struct_na_base_pair_step.i_auth_asym_id_2 
_ndb_struct_na_base_pair_step.i_auth_seq_id_2 
_ndb_struct_na_base_pair_step.i_PDB_ins_code_2 
_ndb_struct_na_base_pair_step.j_auth_asym_id_2 
_ndb_struct_na_base_pair_step.j_auth_seq_id_2 
_ndb_struct_na_base_pair_step.j_PDB_ins_code_2 
1 A U 1 1_555 A A 17 1_555 A C 2 1_555 A G 16 1_555 -0.294 -1.338 3.091 -2.892 2.565   37.466 -2.384 0.105  3.010 3.980   4.488   
37.657 1 AA_U27C28:G42A43_AA A 27 ? A 43 ? A 28 ? A 42 ? 
1 A C 2 1_555 A G 16 1_555 A A 3 1_555 A U 15 1_555 -0.068 -2.001 4.075 6.154  7.863   20.184 -8.410 2.743  2.950 20.868  -16.332 
22.496 2 AA_C28A29:U41G42_AA A 28 ? A 42 ? A 29 ? A 41 ? 
1 A A 3 1_555 A U 15 1_555 A G 4 1_555 A C 14 1_555 0.707  -1.478 3.584 -2.847 8.419   33.097 -3.881 -1.664 3.057 14.457  4.889   
34.237 3 AA_A29G30:C40U41_AA A 29 ? A 41 ? A 30 ? A 40 ? 
1 A G 4 1_555 A C 14 1_555 A A 5 1_555 A U 13 1_555 -0.187 -2.035 3.338 -5.016 3.351   22.856 -6.069 -1.188 2.984 8.272   12.384  
23.628 4 AA_G30A31:U39C40_AA A 30 ? A 40 ? A 31 ? A 39 ? 
1 A A 5 1_555 A U 13 1_555 A C 6 1_555 A A 12 1_555 -0.011 -1.817 2.892 -2.036 10.509  41.276 -3.371 -0.154 2.379 14.613  2.831   
42.583 5 AA_A31C32:A38U39_AA A 31 ? A 39 ? A 32 ? A 38 ? 
1 A C 6 1_555 A A 12 1_555 A U 7 1_555 A A 11 1_555 0.604  -0.770 2.704 6.886  -11.843 25.967 0.785  0.149  2.847 -24.319 -14.140 
29.305 6 AA_C32U33:A37A38_AA A 32 ? A 38 ? A 33 ? A 37 ? 
# 
_pdbx_nmr_spectrometer.spectrometer_id   1 
_pdbx_nmr_spectrometer.model             'UNITY 500' 
_pdbx_nmr_spectrometer.manufacturer      Varian 
_pdbx_nmr_spectrometer.field_strength    500 
# 
_atom_sites.entry_id                    1BZ3 
_atom_sites.fract_transf_matrix[1][1]   1.000000 
_atom_sites.fract_transf_matrix[1][2]   0.000000 
_atom_sites.fract_transf_matrix[1][3]   0.000000 
_atom_sites.fract_transf_matrix[2][1]   0.000000 
_atom_sites.fract_transf_matrix[2][2]   1.000000 
_atom_sites.fract_transf_matrix[2][3]   0.000000 
_atom_sites.fract_transf_matrix[3][1]   0.000000 
_atom_sites.fract_transf_matrix[3][2]   0.000000 
_atom_sites.fract_transf_matrix[3][3]   1.000000 
_atom_sites.fract_transf_vector[1]      0.00000 
_atom_sites.fract_transf_vector[2]      0.00000 
_atom_sites.fract_transf_vector[3]      0.00000 
# 
loop_
_atom_type.symbol 
C 
H 
N 
O 
P 
# 
loop_
_atom_site.group_PDB 
_atom_site.id 
_atom_site.type_symbol 
_atom_site.label_atom_id 
_atom_site.label_alt_id 
_atom_site.label_comp_id 
_atom_site.label_asym_id 
_atom_site.label_entity_id 
_atom_site.label_seq_id 
_atom_site.pdbx_PDB_ins_code 
_atom_site.Cartn_x 
_atom_site.Cartn_y 
_atom_site.Cartn_z 
_atom_site.occupancy 
_atom_site.B_iso_or_equiv 
_atom_site.pdbx_formal_charge 
_atom_site.auth_seq_id 
_atom_site.auth_comp_id 
_atom_site.auth_asym_id 
_atom_site.auth_atom_id 
_atom_site.pdbx_PDB_model_num 
ATOM 1   O "O5'"  . U A 1 1  ? 13.598  8.589   1.574   1.00 0.00 ? 27 U A "O5'"  1 
ATOM 2   C "C5'"  . U A 1 1  ? 13.785  9.928   1.979   1.00 0.00 ? 27 U A "C5'"  1 
ATOM 3   C "C4'"  . U A 1 1  ? 12.719  10.829  1.355   1.00 0.00 ? 27 U A "C4'"  1 
ATOM 4   O "O4'"  . U A 1 1  ? 12.736  10.740  -0.058  1.00 0.00 ? 27 U A "O4'"  1 
ATOM 5   C "C3'"  . U A 1 1  ? 11.295  10.462  1.753   1.00 0.00 ? 27 U A "C3'"  1 
ATOM 6   O "O3'"  . U A 1 1  ? 10.971  10.895  3.060   1.00 0.00 ? 27 U A "O3'"  1 
ATOM 7   C "C2'"  . U A 1 1  ? 10.540  11.234  0.683   1.00 0.00 ? 27 U A "C2'"  1 
ATOM 8   O "O2'"  . U A 1 1  ? 10.469  12.597  1.039   1.00 0.00 ? 27 U A "O2'"  1 
ATOM 9   C "C1'"  . U A 1 1  ? 11.449  11.099  -0.537  1.00 0.00 ? 27 U A "C1'"  1 
ATOM 10  N N1     . U A 1 1  ? 10.876  10.105  -1.483  1.00 0.00 ? 27 U A N1     1 
ATOM 11  C C2     . U A 1 1  ? 9.807   10.526  -2.263  1.00 0.00 ? 27 U A C2     1 
ATOM 12  O O2     . U A 1 1  ? 9.324   11.652  -2.175  1.00 0.00 ? 27 U A O2     1 
ATOM 13  N N3     . U A 1 1  ? 9.291   9.601   -3.159  1.00 0.00 ? 27 U A N3     1 
ATOM 14  C C4     . U A 1 1  ? 9.722   8.296   -3.323  1.00 0.00 ? 27 U A C4     1 
ATOM 15  O O4     . U A 1 1  ? 9.197   7.560   -4.155  1.00 0.00 ? 27 U A O4     1 
ATOM 16  C C5     . U A 1 1  ? 10.801  7.925   -2.439  1.00 0.00 ? 27 U A C5     1 
ATOM 17  C C6     . U A 1 1  ? 11.333  8.812   -1.569  1.00 0.00 ? 27 U A C6     1 
ATOM 18  H "H5'"  . U A 1 1  ? 14.770  10.264  1.658   1.00 0.00 ? 27 U A "H5'"  1 
ATOM 19  H "H5''" . U A 1 1  ? 13.718  9.991   3.065   1.00 0.00 ? 27 U A "H5''" 1 
ATOM 20  H "H4'"  . U A 1 1  ? 12.908  11.863  1.642   1.00 0.00 ? 27 U A "H4'"  1 
ATOM 21  H "H3'"  . U A 1 1  ? 11.128  9.393   1.630   1.00 0.00 ? 27 U A "H3'"  1 
ATOM 22  H "H2'"  . U A 1 1  ? 9.548   10.827  0.501   1.00 0.00 ? 27 U A "H2'"  1 
ATOM 23  H "HO2'" . U A 1 1  ? 10.050  13.077  0.320   1.00 0.00 ? 27 U A "HO2'" 1 
ATOM 24  H "H1'"  . U A 1 1  ? 11.536  12.072  -1.023  1.00 0.00 ? 27 U A "H1'"  1 
ATOM 25  H H3     . U A 1 1  ? 8.524   9.906   -3.740  1.00 0.00 ? 27 U A H3     1 
ATOM 26  H H5     . U A 1 1  ? 11.193  6.919   -2.473  1.00 0.00 ? 27 U A H5     1 
ATOM 27  H H6     . U A 1 1  ? 12.129  8.456   -0.933  1.00 0.00 ? 27 U A H6     1 
ATOM 28  H "HO5'" . U A 1 1  ? 14.282  8.051   1.980   1.00 0.00 ? 27 U A "HO5'" 1 
ATOM 29  P P      . C A 1 2  ? 9.701   10.288  3.854   1.00 0.00 ? 28 C A P      1 
ATOM 30  O OP1    . C A 1 2  ? 9.664   10.909  5.197   1.00 0.00 ? 28 C A OP1    1 
ATOM 31  O OP2    . C A 1 2  ? 9.750   8.814   3.733   1.00 0.00 ? 28 C A OP2    1 
ATOM 32  O "O5'"  . C A 1 2  ? 8.421   10.813  3.031   1.00 0.00 ? 28 C A "O5'"  1 
ATOM 33  C "C5'"  . C A 1 2  ? 7.949   12.132  3.186   1.00 0.00 ? 28 C A "C5'"  1 
ATOM 34  C "C4'"  . C A 1 2  ? 6.835   12.397  2.176   1.00 0.00 ? 28 C A "C4'"  1 
ATOM 35  O "O4'"  . C A 1 2  ? 7.239   12.000  0.882   1.00 0.00 ? 28 C A "O4'"  1 
ATOM 36  C "C3'"  . C A 1 2  ? 5.556   11.610  2.441   1.00 0.00 ? 28 C A "C3'"  1 
ATOM 37  O "O3'"  . C A 1 2  ? 4.789   12.149  3.499   1.00 0.00 ? 28 C A "O3'"  1 
ATOM 38  C "C2'"  . C A 1 2  ? 4.886   11.779  1.087   1.00 0.00 ? 28 C A "C2'"  1 
ATOM 39  O "O2'"  . C A 1 2  ? 4.299   13.057  0.969   1.00 0.00 ? 28 C A "O2'"  1 
ATOM 40  C "C1'"  . C A 1 2  ? 6.077   11.686  0.133   1.00 0.00 ? 28 C A "C1'"  1 
ATOM 41  N N1     . C A 1 2  ? 6.141   10.318  -0.455  1.00 0.00 ? 28 C A N1     1 
ATOM 42  C C2     . C A 1 2  ? 5.341   10.054  -1.561  1.00 0.00 ? 28 C A C2     1 
ATOM 43  O O2     . C A 1 2  ? 4.596   10.916  -2.024  1.00 0.00 ? 28 C A O2     1 
ATOM 44  N N3     . C A 1 2  ? 5.395   8.815   -2.118  1.00 0.00 ? 28 C A N3     1 
ATOM 45  C C4     . C A 1 2  ? 6.171   7.853   -1.609  1.00 0.00 ? 28 C A C4     1 
ATOM 46  N N4     . C A 1 2  ? 6.189   6.649   -2.196  1.00 0.00 ? 28 C A N4     1 
ATOM 47  C C5     . C A 1 2  ? 6.954   8.084   -0.437  1.00 0.00 ? 28 C A C5     1 
ATOM 48  C C6     . C A 1 2  ? 6.905   9.322   0.099   1.00 0.00 ? 28 C A C6     1 
ATOM 49  H "H5'"  . C A 1 2  ? 8.767   12.830  3.007   1.00 0.00 ? 28 C A "H5'"  1 
ATOM 50  H "H5''" . C A 1 2  ? 7.572   12.276  4.198   1.00 0.00 ? 28 C A "H5''" 1 
ATOM 51  H "H4'"  . C A 1 2  ? 6.601   13.459  2.153   1.00 0.00 ? 28 C A "H4'"  1 
ATOM 52  H "H3'"  . C A 1 2  ? 5.781   10.558  2.611   1.00 0.00 ? 28 C A "H3'"  1 
ATOM 53  H "H2'"  . C A 1 2  ? 4.146   11.009  0.894   1.00 0.00 ? 28 C A "H2'"  1 
ATOM 54  H "HO2'" . C A 1 2  ? 4.992   13.718  0.925   1.00 0.00 ? 28 C A "HO2'" 1 
ATOM 55  H "H1'"  . C A 1 2  ? 5.983   12.455  -0.631  1.00 0.00 ? 28 C A "H1'"  1 
ATOM 56  H H41    . C A 1 2  ? 5.627   6.480   -3.019  1.00 0.00 ? 28 C A H41    1 
ATOM 57  H H42    . C A 1 2  ? 6.763   5.910   -1.817  1.00 0.00 ? 28 C A H42    1 
ATOM 58  H H5     . C A 1 2  ? 7.569   7.326   0.024   1.00 0.00 ? 28 C A H5     1 
ATOM 59  H H6     . C A 1 2  ? 7.485   9.482   0.991   1.00 0.00 ? 28 C A H6     1 
ATOM 60  P P      . A A 1 3  ? 3.662   11.263  4.246   1.00 0.00 ? 29 A A P      1 
ATOM 61  O OP1    . A A 1 3  ? 3.060   12.095  5.311   1.00 0.00 ? 29 A A OP1    1 
ATOM 62  O OP2    . A A 1 3  ? 4.260   9.953   4.592   1.00 0.00 ? 29 A A OP2    1 
ATOM 63  O "O5'"  . A A 1 3  ? 2.539   11.016  3.119   1.00 0.00 ? 29 A A "O5'"  1 
ATOM 64  C "C5'"  . A A 1 3  ? 1.621   12.034  2.790   1.00 0.00 ? 29 A A "C5'"  1 
ATOM 65  C "C4'"  . A A 1 3  ? 0.717   11.574  1.650   1.00 0.00 ? 29 A A "C4'"  1 
ATOM 66  O "O4'"  . A A 1 3  ? 1.482   11.148  0.548   1.00 0.00 ? 29 A A "O4'"  1 
ATOM 67  C "C3'"  . A A 1 3  ? -0.202  10.406  2.002   1.00 0.00 ? 29 A A "C3'"  1 
ATOM 68  O "O3'"  . A A 1 3  ? -1.300  10.822  2.790   1.00 0.00 ? 29 A A "O3'"  1 
ATOM 69  C "C2'"  . A A 1 3  ? -0.611  10.013  0.598   1.00 0.00 ? 29 A A "C2'"  1 
ATOM 70  O "O2'"  . A A 1 3  ? -1.658  10.828  0.119   1.00 0.00 ? 29 A A "O2'"  1 
ATOM 71  C "C1'"  . A A 1 3  ? 0.653   10.287  -0.201  1.00 0.00 ? 29 A A "C1'"  1 
ATOM 72  N N9     . A A 1 3  ? 1.337   9.022   -0.481  1.00 0.00 ? 29 A A N9     1 
ATOM 73  C C8     . A A 1 3  ? 2.434   8.428   0.083   1.00 0.00 ? 29 A A C8     1 
ATOM 74  N N7     . A A 1 3  ? 2.815   7.342   -0.538  1.00 0.00 ? 29 A A N7     1 
ATOM 75  C C5     . A A 1 3  ? 1.892   7.211   -1.575  1.00 0.00 ? 29 A A C5     1 
ATOM 76  C C6     . A A 1 3  ? 1.732   6.298   -2.629  1.00 0.00 ? 29 A A C6     1 
ATOM 77  N N6     . A A 1 3  ? 2.562   5.267   -2.837  1.00 0.00 ? 29 A A N6     1 
ATOM 78  N N1     . A A 1 3  ? 0.699   6.501   -3.466  1.00 0.00 ? 29 A A N1     1 
ATOM 79  C C2     . A A 1 3  ? -0.114  7.528   -3.252  1.00 0.00 ? 29 A A C2     1 
ATOM 80  N N3     . A A 1 3  ? -0.077  8.438   -2.313  1.00 0.00 ? 29 A A N3     1 
ATOM 81  C C4     . A A 1 3  ? 0.975   8.216   -1.509  1.00 0.00 ? 29 A A C4     1 
ATOM 82  H "H5'"  . A A 1 3  ? 2.167   12.924  2.478   1.00 0.00 ? 29 A A "H5'"  1 
ATOM 83  H "H5''" . A A 1 3  ? 1.012   12.273  3.661   1.00 0.00 ? 29 A A "H5''" 1 
ATOM 84  H "H4'"  . A A 1 3  ? 0.105   12.392  1.282   1.00 0.00 ? 29 A A "H4'"  1 
ATOM 85  H "H3'"  . A A 1 3  ? 0.332   9.570   2.457   1.00 0.00 ? 29 A A "H3'"  1 
ATOM 86  H "H2'"  . A A 1 3  ? -0.867  8.965   0.522   1.00 0.00 ? 29 A A "H2'"  1 
ATOM 87  H "HO2'" . A A 1 3  ? -1.335  11.724  0.005   1.00 0.00 ? 29 A A "HO2'" 1 
ATOM 88  H "H1'"  . A A 1 3  ? 0.352   10.720  -1.155  1.00 0.00 ? 29 A A "H1'"  1 
ATOM 89  H H8     . A A 1 3  ? 2.935   8.830   0.948   1.00 0.00 ? 29 A A H8     1 
ATOM 90  H H61    . A A 1 3  ? 2.399   4.630   -3.603  1.00 0.00 ? 29 A A H61    1 
ATOM 91  H H62    . A A 1 3  ? 3.345   5.119   -2.216  1.00 0.00 ? 29 A A H62    1 
ATOM 92  H H2     . A A 1 3  ? -0.939  7.718   -3.906  1.00 0.00 ? 29 A A H2     1 
ATOM 93  P P      . G A 1 4  ? -2.163  9.766   3.659   1.00 0.00 ? 30 G A P      1 
ATOM 94  O OP1    . G A 1 4  ? -3.187  10.522  4.415   1.00 0.00 ? 30 G A OP1    1 
ATOM 95  O OP2    . G A 1 4  ? -1.222  8.883   4.383   1.00 0.00 ? 30 G A OP2    1 
ATOM 96  O "O5'"  . G A 1 4  ? -2.921  8.884   2.547   1.00 0.00 ? 30 G A "O5'"  1 
ATOM 97  C "C5'"  . G A 1 4  ? -4.056  9.391   1.882   1.00 0.00 ? 30 G A "C5'"  1 
ATOM 98  C "C4'"  . G A 1 4  ? -4.404  8.472   0.716   1.00 0.00 ? 30 G A "C4'"  1 
ATOM 99  O "O4'"  . G A 1 4  ? -3.255  8.211   -0.066  1.00 0.00 ? 30 G A "O4'"  1 
ATOM 100 C "C3'"  . G A 1 4  ? -4.920  7.106   1.146   1.00 0.00 ? 30 G A "C3'"  1 
ATOM 101 O "O3'"  . G A 1 4  ? -6.272  7.171   1.557   1.00 0.00 ? 30 G A "O3'"  1 
ATOM 102 C "C2'"  . G A 1 4  ? -4.718  6.357   -0.163  1.00 0.00 ? 30 G A "C2'"  1 
ATOM 103 O "O2'"  . G A 1 4  ? -5.718  6.706   -1.093  1.00 0.00 ? 30 G A "O2'"  1 
ATOM 104 C "C1'"  . G A 1 4  ? -3.379  6.921   -0.636  1.00 0.00 ? 30 G A "C1'"  1 
ATOM 105 N N9     . G A 1 4  ? -2.289  6.027   -0.188  1.00 0.00 ? 30 G A N9     1 
ATOM 106 C C8     . G A 1 4  ? -1.467  6.093   0.914   1.00 0.00 ? 30 G A C8     1 
ATOM 107 N N7     . G A 1 4  ? -0.605  5.115   0.982   1.00 0.00 ? 30 G A N7     1 
ATOM 108 C C5     . G A 1 4  ? -0.874  4.344   -0.145  1.00 0.00 ? 30 G A C5     1 
ATOM 109 C C6     . G A 1 4  ? -0.259  3.147   -0.603  1.00 0.00 ? 30 G A C6     1 
ATOM 110 O O6     . G A 1 4  ? 0.676   2.525   -0.102  1.00 0.00 ? 30 G A O6     1 
ATOM 111 N N1     . G A 1 4  ? -0.849  2.687   -1.772  1.00 0.00 ? 30 G A N1     1 
ATOM 112 C C2     . G A 1 4  ? -1.899  3.299   -2.424  1.00 0.00 ? 30 G A C2     1 
ATOM 113 N N2     . G A 1 4  ? -2.346  2.705   -3.538  1.00 0.00 ? 30 G A N2     1 
ATOM 114 N N3     . G A 1 4  ? -2.472  4.429   -1.999  1.00 0.00 ? 30 G A N3     1 
ATOM 115 C C4     . G A 1 4  ? -1.909  4.890   -0.858  1.00 0.00 ? 30 G A C4     1 
ATOM 116 H "H5'"  . G A 1 4  ? -3.831  10.386  1.497   1.00 0.00 ? 30 G A "H5'"  1 
ATOM 117 H "H5''" . G A 1 4  ? -4.896  9.455   2.573   1.00 0.00 ? 30 G A "H5''" 1 
ATOM 118 H "H4'"  . G A 1 4  ? -5.158  8.954   0.094   1.00 0.00 ? 30 G A "H4'"  1 
ATOM 119 H "H3'"  . G A 1 4  ? -4.279  6.677   1.916   1.00 0.00 ? 30 G A "H3'"  1 
ATOM 120 H "H2'"  . G A 1 4  ? -4.676  5.279   -0.025  1.00 0.00 ? 30 G A "H2'"  1 
ATOM 121 H "HO2'" . G A 1 4  ? -5.520  6.279   -1.929  1.00 0.00 ? 30 G A "HO2'" 1 
ATOM 122 H "H1'"  . G A 1 4  ? -3.344  6.988   -1.726  1.00 0.00 ? 30 G A "H1'"  1 
ATOM 123 H H8     . G A 1 4  ? -1.506  6.867   1.671   1.00 0.00 ? 30 G A H8     1 
ATOM 124 H H1     . G A 1 4  ? -0.476  1.836   -2.168  1.00 0.00 ? 30 G A H1     1 
ATOM 125 H H21    . G A 1 4  ? -1.909  1.857   -3.868  1.00 0.00 ? 30 G A H21    1 
ATOM 126 H H22    . G A 1 4  ? -3.115  3.110   -4.054  1.00 0.00 ? 30 G A H22    1 
ATOM 127 P P      . A A 1 5  ? -6.954  5.991   2.423   1.00 0.00 ? 31 A A P      1 
ATOM 128 O OP1    . A A 1 5  ? -8.323  6.422   2.786   1.00 0.00 ? 31 A A OP1    1 
ATOM 129 O OP2    . A A 1 5  ? -6.005  5.593   3.488   1.00 0.00 ? 31 A A OP2    1 
ATOM 130 O "O5'"  . A A 1 5  ? -7.081  4.770   1.385   1.00 0.00 ? 31 A A "O5'"  1 
ATOM 131 C "C5'"  . A A 1 5  ? -8.054  4.787   0.366   1.00 0.00 ? 31 A A "C5'"  1 
ATOM 132 C "C4'"  . A A 1 5  ? -7.797  3.601   -0.557  1.00 0.00 ? 31 A A "C4'"  1 
ATOM 133 O "O4'"  . A A 1 5  ? -6.434  3.552   -0.904  1.00 0.00 ? 31 A A "O4'"  1 
ATOM 134 C "C3'"  . A A 1 5  ? -8.085  2.247   0.079   1.00 0.00 ? 31 A A "C3'"  1 
ATOM 135 O "O3'"  . A A 1 5  ? -9.450  1.901   0.169   1.00 0.00 ? 31 A A "O3'"  1 
ATOM 136 C "C2'"  . A A 1 5  ? -7.360  1.362   -0.914  1.00 0.00 ? 31 A A "C2'"  1 
ATOM 137 O "O2'"  . A A 1 5  ? -8.138  1.180   -2.078  1.00 0.00 ? 31 A A "O2'"  1 
ATOM 138 C "C1'"  . A A 1 5  ? -6.149  2.216   -1.260  1.00 0.00 ? 31 A A "C1'"  1 
ATOM 139 N N9     . A A 1 5  ? -4.975  1.715   -0.519  1.00 0.00 ? 31 A A N9     1 
ATOM 140 C C8     . A A 1 5  ? -4.413  2.201   0.633   1.00 0.00 ? 31 A A C8     1 
ATOM 141 N N7     . A A 1 5  ? -3.389  1.513   1.055   1.00 0.00 ? 31 A A N7     1 
ATOM 142 C C5     . A A 1 5  ? -3.284  0.478   0.135   1.00 0.00 ? 31 A A C5     1 
ATOM 143 C C6     . A A 1 5  ? -2.411  -0.616  0.038   1.00 0.00 ? 31 A A C6     1 
ATOM 144 N N6     . A A 1 5  ? -1.402  -0.820  0.895   1.00 0.00 ? 31 A A N6     1 
ATOM 145 N N1     . A A 1 5  ? -2.627  -1.493  -0.954  1.00 0.00 ? 31 A A N1     1 
ATOM 146 C C2     . A A 1 5  ? -3.630  -1.283  -1.797  1.00 0.00 ? 31 A A C2     1 
ATOM 147 N N3     . A A 1 5  ? -4.503  -0.287  -1.828  1.00 0.00 ? 31 A A N3     1 
ATOM 148 C C4     . A A 1 5  ? -4.267  0.574   -0.813  1.00 0.00 ? 31 A A C4     1 
ATOM 149 H "H5'"  . A A 1 5  ? -7.965  5.712   -0.203  1.00 0.00 ? 31 A A "H5'"  1 
ATOM 150 H "H5''" . A A 1 5  ? -9.054  4.720   0.796   1.00 0.00 ? 31 A A "H5''" 1 
ATOM 151 H "H4'"  . A A 1 5  ? -8.337  3.684   -1.496  1.00 0.00 ? 31 A A "H4'"  1 
ATOM 152 H "H3'"  . A A 1 5  ? -7.603  2.199   1.056   1.00 0.00 ? 31 A A "H3'"  1 
ATOM 153 H "H2'"  . A A 1 5  ? -7.071  0.411   -0.486  1.00 0.00 ? 31 A A "H2'"  1 
ATOM 154 H "HO2'" . A A 1 5  ? -9.025  0.928   -1.819  1.00 0.00 ? 31 A A "HO2'" 1 
ATOM 155 H "H1'"  . A A 1 5  ? -6.020  2.194   -2.336  1.00 0.00 ? 31 A A "H1'"  1 
ATOM 156 H H8     . A A 1 5  ? -4.784  3.068   1.159   1.00 0.00 ? 31 A A H8     1 
ATOM 157 H H61    . A A 1 5  ? -0.802  -1.625  0.797   1.00 0.00 ? 31 A A H61    1 
ATOM 158 H H62    . A A 1 5  ? -1.241  -0.163  1.647   1.00 0.00 ? 31 A A H62    1 
ATOM 159 H H2     . A A 1 5  ? -3.761  -2.035  -2.563  1.00 0.00 ? 31 A A H2     1 
ATOM 160 P P      . C A 1 6  ? -9.943  0.798   1.246   1.00 0.00 ? 32 C A P      1 
ATOM 161 O OP1    . C A 1 6  ? -11.388 0.564   1.031   1.00 0.00 ? 32 C A OP1    1 
ATOM 162 O OP2    . C A 1 6  ? -9.464  1.229   2.578   1.00 0.00 ? 32 C A OP2    1 
ATOM 163 O "O5'"  . C A 1 6  ? -9.158  -0.560  0.856   1.00 0.00 ? 32 C A "O5'"  1 
ATOM 164 C "C5'"  . C A 1 6  ? -9.639  -1.413  -0.160  1.00 0.00 ? 32 C A "C5'"  1 
ATOM 165 C "C4'"  . C A 1 6  ? -8.686  -2.587  -0.390  1.00 0.00 ? 32 C A "C4'"  1 
ATOM 166 O "O4'"  . C A 1 6  ? -7.356  -2.151  -0.572  1.00 0.00 ? 32 C A "O4'"  1 
ATOM 167 C "C3'"  . C A 1 6  ? -8.660  -3.619  0.733   1.00 0.00 ? 32 C A "C3'"  1 
ATOM 168 O "O3'"  . C A 1 6  ? -9.831  -4.410  0.603   1.00 0.00 ? 32 C A "O3'"  1 
ATOM 169 C "C2'"  . C A 1 6  ? -7.357  -4.327  0.361   1.00 0.00 ? 32 C A "C2'"  1 
ATOM 170 O "O2'"  . C A 1 6  ? -7.591  -5.226  -0.700  1.00 0.00 ? 32 C A "O2'"  1 
ATOM 171 C "C1'"  . C A 1 6  ? -6.479  -3.178  -0.143  1.00 0.00 ? 32 C A "C1'"  1 
ATOM 172 N N1     . C A 1 6  ? -5.553  -2.703  0.925   1.00 0.00 ? 32 C A N1     1 
ATOM 173 C C2     . C A 1 6  ? -4.401  -3.450  1.135   1.00 0.00 ? 32 C A C2     1 
ATOM 174 O O2     . C A 1 6  ? -4.246  -4.533  0.572   1.00 0.00 ? 32 C A O2     1 
ATOM 175 N N3     . C A 1 6  ? -3.450  -2.961  1.975   1.00 0.00 ? 32 C A N3     1 
ATOM 176 C C4     . C A 1 6  ? -3.617  -1.795  2.609   1.00 0.00 ? 32 C A C4     1 
ATOM 177 N N4     . C A 1 6  ? -2.655  -1.357  3.433   1.00 0.00 ? 32 C A N4     1 
ATOM 178 C C5     . C A 1 6  ? -4.819  -1.036  2.452   1.00 0.00 ? 32 C A C5     1 
ATOM 179 C C6     . C A 1 6  ? -5.754  -1.534  1.615   1.00 0.00 ? 32 C A C6     1 
ATOM 180 H "H5'"  . C A 1 6  ? -9.729  -0.850  -1.087  1.00 0.00 ? 32 C A "H5'"  1 
ATOM 181 H "H5''" . C A 1 6  ? -10.621 -1.794  0.119   1.00 0.00 ? 32 C A "H5''" 1 
ATOM 182 H "H4'"  . C A 1 6  ? -8.996  -3.104  -1.297  1.00 0.00 ? 32 C A "H4'"  1 
ATOM 183 H "H3'"  . C A 1 6  ? -8.556  -3.168  1.720   1.00 0.00 ? 32 C A "H3'"  1 
ATOM 184 H "H2'"  . C A 1 6  ? -6.870  -4.834  1.193   1.00 0.00 ? 32 C A "H2'"  1 
ATOM 185 H "HO2'" . C A 1 6  ? -6.751  -5.601  -0.972  1.00 0.00 ? 32 C A "HO2'" 1 
ATOM 186 H "H1'"  . C A 1 6  ? -5.904  -3.495  -1.014  1.00 0.00 ? 32 C A "H1'"  1 
ATOM 187 H H41    . C A 1 6  ? -1.811  -1.898  3.557   1.00 0.00 ? 32 C A H41    1 
ATOM 188 H H42    . C A 1 6  ? -2.773  -0.485  3.929   1.00 0.00 ? 32 C A H42    1 
ATOM 189 H H5     . C A 1 6  ? -4.995  -0.086  2.939   1.00 0.00 ? 32 C A H5     1 
ATOM 190 H H6     . C A 1 6  ? -6.671  -0.978  1.539   1.00 0.00 ? 32 C A H6     1 
ATOM 191 P P      . U A 1 7  ? -10.557 -5.158  1.843   1.00 0.00 ? 33 U A P      1 
ATOM 192 O OP1    . U A 1 7  ? -11.941 -5.481  1.432   1.00 0.00 ? 33 U A OP1    1 
ATOM 193 O OP2    . U A 1 7  ? -10.326 -4.380  3.081   1.00 0.00 ? 33 U A OP2    1 
ATOM 194 O "O5'"  . U A 1 7  ? -9.749  -6.539  1.959   1.00 0.00 ? 33 U A "O5'"  1 
ATOM 195 C "C5'"  . U A 1 7  ? -9.799  -7.486  0.922   1.00 0.00 ? 33 U A "C5'"  1 
ATOM 196 C "C4'"  . U A 1 7  ? -8.469  -8.228  0.873   1.00 0.00 ? 33 U A "C4'"  1 
ATOM 197 O "O4'"  . U A 1 7  ? -7.436  -7.282  1.071   1.00 0.00 ? 33 U A "O4'"  1 
ATOM 198 C "C3'"  . U A 1 7  ? -8.309  -9.277  1.984   1.00 0.00 ? 33 U A "C3'"  1 
ATOM 199 O "O3'"  . U A 1 7  ? -8.471  -10.631 1.552   1.00 0.00 ? 33 U A "O3'"  1 
ATOM 200 C "C2'"  . U A 1 7  ? -6.904  -9.055  2.520   1.00 0.00 ? 33 U A "C2'"  1 
ATOM 201 O "O2'"  . U A 1 7  ? -6.079  -10.088 2.089   1.00 0.00 ? 33 U A "O2'"  1 
ATOM 202 C "C1'"  . U A 1 7  ? -6.347  -7.869  1.766   1.00 0.00 ? 33 U A "C1'"  1 
ATOM 203 N N1     . U A 1 7  ? -5.808  -6.911  2.766   1.00 0.00 ? 33 U A N1     1 
ATOM 204 C C2     . U A 1 7  ? -4.435  -6.819  2.955   1.00 0.00 ? 33 U A C2     1 
ATOM 205 O O2     . U A 1 7  ? -3.622  -7.512  2.348   1.00 0.00 ? 33 U A O2     1 
ATOM 206 N N3     . U A 1 7  ? -4.009  -5.894  3.896   1.00 0.00 ? 33 U A N3     1 
ATOM 207 C C4     . U A 1 7  ? -4.820  -5.106  4.698   1.00 0.00 ? 33 U A C4     1 
ATOM 208 O O4     . U A 1 7  ? -4.331  -4.306  5.492   1.00 0.00 ? 33 U A O4     1 
ATOM 209 C C5     . U A 1 7  ? -6.230  -5.340  4.506   1.00 0.00 ? 33 U A C5     1 
ATOM 210 C C6     . U A 1 7  ? -6.668  -6.212  3.572   1.00 0.00 ? 33 U A C6     1 
ATOM 211 H "H5'"  . U A 1 7  ? -9.919  -6.954  -0.022  1.00 0.00 ? 33 U A "H5'"  1 
ATOM 212 H "H5''" . U A 1 7  ? -10.635 -8.173  1.055   1.00 0.00 ? 33 U A "H5''" 1 
ATOM 213 H "H4'"  . U A 1 7  ? -8.431  -8.627  -0.137  1.00 0.00 ? 33 U A "H4'"  1 
ATOM 214 H "H3'"  . U A 1 7  ? -8.985  -8.990  2.792   1.00 0.00 ? 33 U A "H3'"  1 
ATOM 215 H "H2'"  . U A 1 7  ? -6.883  -8.953  3.604   1.00 0.00 ? 33 U A "H2'"  1 
ATOM 216 H "HO2'" . U A 1 7  ? -6.243  -10.209 1.152   1.00 0.00 ? 33 U A "HO2'" 1 
ATOM 217 H "H1'"  . U A 1 7  ? -5.594  -8.265  1.074   1.00 0.00 ? 33 U A "H1'"  1 
ATOM 218 H H3     . U A 1 7  ? -3.011  -5.794  4.019   1.00 0.00 ? 33 U A H3     1 
ATOM 219 H H5     . U A 1 7  ? -6.946  -4.810  5.116   1.00 0.00 ? 33 U A H5     1 
ATOM 220 H H6     . U A 1 7  ? -7.729  -6.380  3.472   1.00 0.00 ? 33 U A H6     1 
ATOM 221 P P      . U A 1 8  ? -8.512  -11.871 2.617   1.00 0.00 ? 34 U A P      1 
ATOM 222 O OP1    . U A 1 8  ? -9.312  -12.953 2.000   1.00 0.00 ? 34 U A OP1    1 
ATOM 223 O OP2    . U A 1 8  ? -8.937  -11.313 3.920   1.00 0.00 ? 34 U A OP2    1 
ATOM 224 O "O5'"  . U A 1 8  ? -6.997  -12.444 2.805   1.00 0.00 ? 34 U A "O5'"  1 
ATOM 225 C "C5'"  . U A 1 8  ? -6.498  -13.616 2.161   1.00 0.00 ? 34 U A "C5'"  1 
ATOM 226 C "C4'"  . U A 1 8  ? -4.947  -13.765 2.106   1.00 0.00 ? 34 U A "C4'"  1 
ATOM 227 O "O4'"  . U A 1 8  ? -4.479  -13.856 0.779   1.00 0.00 ? 34 U A "O4'"  1 
ATOM 228 C "C3'"  . U A 1 8  ? -4.107  -12.698 2.815   1.00 0.00 ? 34 U A "C3'"  1 
ATOM 229 O "O3'"  . U A 1 8  ? -3.266  -13.323 3.760   1.00 0.00 ? 34 U A "O3'"  1 
ATOM 230 C "C2'"  . U A 1 8  ? -3.228  -12.047 1.764   1.00 0.00 ? 34 U A "C2'"  1 
ATOM 231 O "O2'"  . U A 1 8  ? -1.899  -11.983 2.230   1.00 0.00 ? 34 U A "O2'"  1 
ATOM 232 C "C1'"  . U A 1 8  ? -3.323  -13.048 0.605   1.00 0.00 ? 34 U A "C1'"  1 
ATOM 233 N N1     . U A 1 8  ? -3.646  -12.287 -0.613  1.00 0.00 ? 34 U A N1     1 
ATOM 234 C C2     . U A 1 8  ? -2.778  -12.235 -1.692  1.00 0.00 ? 34 U A C2     1 
ATOM 235 O O2     . U A 1 8  ? -1.663  -12.752 -1.683  1.00 0.00 ? 34 U A O2     1 
ATOM 236 N N3     . U A 1 8  ? -3.250  -11.552 -2.804  1.00 0.00 ? 34 U A N3     1 
ATOM 237 C C4     . U A 1 8  ? -4.488  -10.934 -2.923  1.00 0.00 ? 34 U A C4     1 
ATOM 238 O O4     . U A 1 8  ? -4.803  -10.359 -3.962  1.00 0.00 ? 34 U A O4     1 
ATOM 239 C C5     . U A 1 8  ? -5.317  -11.040 -1.743  1.00 0.00 ? 34 U A C5     1 
ATOM 240 C C6     . U A 1 8  ? -4.877  -11.707 -0.657  1.00 0.00 ? 34 U A C6     1 
ATOM 241 H "H5'"  . U A 1 8  ? -6.880  -13.642 1.142   1.00 0.00 ? 34 U A "H5'"  1 
ATOM 242 H "H5''" . U A 1 8  ? -6.903  -14.481 2.686   1.00 0.00 ? 34 U A "H5''" 1 
ATOM 243 H "H4'"  . U A 1 8  ? -4.709  -14.714 2.588   1.00 0.00 ? 34 U A "H4'"  1 
ATOM 244 H "H3'"  . U A 1 8  ? -4.696  -11.874 3.172   1.00 0.00 ? 34 U A "H3'"  1 
ATOM 245 H "H2'"  . U A 1 8  ? -3.581  -11.012 1.577   1.00 0.00 ? 34 U A "H2'"  1 
ATOM 246 H "HO2'" . U A 1 8  ? -1.600  -12.874 2.423   1.00 0.00 ? 34 U A "HO2'" 1 
ATOM 247 H "H1'"  . U A 1 8  ? -2.427  -13.666 0.542   1.00 0.00 ? 34 U A "H1'"  1 
ATOM 248 H H3     . U A 1 8  ? -2.635  -11.500 -3.603  1.00 0.00 ? 34 U A H3     1 
ATOM 249 H H5     . U A 1 8  ? -6.296  -10.582 -1.731  1.00 0.00 ? 34 U A H5     1 
ATOM 250 H H6     . U A 1 8  ? -5.451  -11.785 0.263   1.00 0.00 ? 34 U A H6     1 
ATOM 251 P P      . U A 1 9  ? -3.703  -13.533 5.295   1.00 0.00 ? 35 U A P      1 
ATOM 252 O OP1    . U A 1 9  ? -2.745  -14.475 5.915   1.00 0.00 ? 35 U A OP1    1 
ATOM 253 O OP2    . U A 1 9  ? -5.153  -13.828 5.331   1.00 0.00 ? 35 U A OP2    1 
ATOM 254 O "O5'"  . U A 1 9  ? -3.463  -12.084 5.949   1.00 0.00 ? 35 U A "O5'"  1 
ATOM 255 C "C5'"  . U A 1 9  ? -2.350  -11.309 5.587   1.00 0.00 ? 35 U A "C5'"  1 
ATOM 256 C "C4'"  . U A 1 9  ? -2.108  -10.116 6.521   1.00 0.00 ? 35 U A "C4'"  1 
ATOM 257 O "O4'"  . U A 1 9  ? -3.333  -9.442  6.732   1.00 0.00 ? 35 U A "O4'"  1 
ATOM 258 C "C3'"  . U A 1 9  ? -1.544  -10.448 7.896   1.00 0.00 ? 35 U A "C3'"  1 
ATOM 259 O "O3'"  . U A 1 9  ? -0.292  -9.802  8.042   1.00 0.00 ? 35 U A "O3'"  1 
ATOM 260 C "C2'"  . U A 1 9  ? -2.495  -9.866  8.919   1.00 0.00 ? 35 U A "C2'"  1 
ATOM 261 O "O2'"  . U A 1 9  ? -1.784  -9.014  9.780   1.00 0.00 ? 35 U A "O2'"  1 
ATOM 262 C "C1'"  . U A 1 9  ? -3.422  -8.993  8.074   1.00 0.00 ? 35 U A "C1'"  1 
ATOM 263 N N1     . U A 1 9  ? -4.827  -9.269  8.460   1.00 0.00 ? 35 U A N1     1 
ATOM 264 C C2     . U A 1 9  ? -5.661  -8.224  8.835   1.00 0.00 ? 35 U A C2     1 
ATOM 265 O O2     . U A 1 9  ? -5.264  -7.075  9.017   1.00 0.00 ? 35 U A O2     1 
ATOM 266 N N3     . U A 1 9  ? -7.000  -8.546  8.996   1.00 0.00 ? 35 U A N3     1 
ATOM 267 C C4     . U A 1 9  ? -7.574  -9.793  8.801   1.00 0.00 ? 35 U A C4     1 
ATOM 268 O O4     . U A 1 9  ? -8.783  -9.957  8.950   1.00 0.00 ? 35 U A O4     1 
ATOM 269 C C5     . U A 1 9  ? -6.634  -10.822 8.424   1.00 0.00 ? 35 U A C5     1 
ATOM 270 C C6     . U A 1 9  ? -5.319  -10.536 8.272   1.00 0.00 ? 35 U A C6     1 
ATOM 271 H "H5'"  . U A 1 9  ? -2.537  -10.929 4.584   1.00 0.00 ? 35 U A "H5'"  1 
ATOM 272 H "H5''" . U A 1 9  ? -1.457  -11.936 5.560   1.00 0.00 ? 35 U A "H5''" 1 
ATOM 273 H "H4'"  . U A 1 9  ? -1.389  -9.438  6.062   1.00 0.00 ? 35 U A "H4'"  1 
ATOM 274 H "H3'"  . U A 1 9  ? -1.631  -11.526 8.033   1.00 0.00 ? 35 U A "H3'"  1 
ATOM 275 H "H2'"  . U A 1 9  ? -2.916  -10.637 9.559   1.00 0.00 ? 35 U A "H2'"  1 
ATOM 276 H "HO2'" . U A 1 9  ? -1.206  -9.556  10.322  1.00 0.00 ? 35 U A "HO2'" 1 
ATOM 277 H "H1'"  . U A 1 9  ? -3.108  -7.952  8.138   1.00 0.00 ? 35 U A "H1'"  1 
ATOM 278 H H3     . U A 1 9  ? -7.621  -7.797  9.268   1.00 0.00 ? 35 U A H3     1 
ATOM 279 H H5     . U A 1 9  ? -7.009  -11.822 8.242   1.00 0.00 ? 35 U A H5     1 
ATOM 280 H H6     . U A 1 9  ? -4.608  -11.319 8.014   1.00 0.00 ? 35 U A H6     1 
ATOM 281 P P      . U A 1 10 ? 0.762   -10.201 9.218   1.00 0.00 ? 36 U A P      1 
ATOM 282 O OP1    . U A 1 10 ? 1.692   -11.203 8.649   1.00 0.00 ? 36 U A OP1    1 
ATOM 283 O OP2    . U A 1 10 ? -0.017  -10.547 10.427  1.00 0.00 ? 36 U A OP2    1 
ATOM 284 O "O5'"  . U A 1 10 ? 1.639   -8.866  9.565   1.00 0.00 ? 36 U A "O5'"  1 
ATOM 285 C "C5'"  . U A 1 10 ? 1.057   -7.747  10.214  1.00 0.00 ? 36 U A "C5'"  1 
ATOM 286 C "C4'"  . U A 1 10 ? 2.039   -6.827  10.978  1.00 0.00 ? 36 U A "C4'"  1 
ATOM 287 O "O4'"  . U A 1 10 ? 1.691   -6.974  12.352  1.00 0.00 ? 36 U A "O4'"  1 
ATOM 288 C "C3'"  . U A 1 10 ? 3.547   -7.147  10.845  1.00 0.00 ? 36 U A "C3'"  1 
ATOM 289 O "O3'"  . U A 1 10 ? 4.492   -6.104  11.103  1.00 0.00 ? 36 U A "O3'"  1 
ATOM 290 C "C2'"  . U A 1 10 ? 3.667   -8.095  12.001  1.00 0.00 ? 36 U A "C2'"  1 
ATOM 291 O "O2'"  . U A 1 10 ? 5.007   -8.310  12.382  1.00 0.00 ? 36 U A "O2'"  1 
ATOM 292 C "C1'"  . U A 1 10 ? 2.851   -7.359  13.056  1.00 0.00 ? 36 U A "C1'"  1 
ATOM 293 N N1     . U A 1 10 ? 2.573   -8.192  14.260  1.00 0.00 ? 36 U A N1     1 
ATOM 294 C C2     . U A 1 10 ? 2.407   -7.557  15.483  1.00 0.00 ? 36 U A C2     1 
ATOM 295 O O2     . U A 1 10 ? 2.358   -6.335  15.601  1.00 0.00 ? 36 U A O2     1 
ATOM 296 N N3     . U A 1 10 ? 2.290   -8.385  16.590  1.00 0.00 ? 36 U A N3     1 
ATOM 297 C C4     . U A 1 10 ? 2.308   -9.770  16.581  1.00 0.00 ? 36 U A C4     1 
ATOM 298 O O4     . U A 1 10 ? 2.201   -10.406 17.626  1.00 0.00 ? 36 U A O4     1 
ATOM 299 C C5     . U A 1 10 ? 2.456   -10.344 15.264  1.00 0.00 ? 36 U A C5     1 
ATOM 300 C C6     . U A 1 10 ? 2.581   -9.560  14.171  1.00 0.00 ? 36 U A C6     1 
ATOM 301 H "H5'"  . U A 1 10 ? 0.366   -8.133  10.962  1.00 0.00 ? 36 U A "H5'"  1 
ATOM 302 H "H5''" . U A 1 10 ? 0.473   -7.167  9.500   1.00 0.00 ? 36 U A "H5''" 1 
ATOM 303 H "H4'"  . U A 1 10 ? 1.842   -5.811  10.658  1.00 0.00 ? 36 U A "H4'"  1 
ATOM 304 H "H3'"  . U A 1 10 ? 3.800   -7.732  9.976   1.00 0.00 ? 36 U A "H3'"  1 
ATOM 305 H "H2'"  . U A 1 10 ? 3.186   -8.989  11.621  1.00 0.00 ? 36 U A "H2'"  1 
ATOM 306 H "HO2'" . U A 1 10 ? 5.394   -7.466  12.627  1.00 0.00 ? 36 U A "HO2'" 1 
ATOM 307 H "H1'"  . U A 1 10 ? 3.388   -6.449  13.315  1.00 0.00 ? 36 U A "H1'"  1 
ATOM 308 H H3     . U A 1 10 ? 2.177   -7.935  17.488  1.00 0.00 ? 36 U A H3     1 
ATOM 309 H H5     . U A 1 10 ? 2.469   -11.418 15.152  1.00 0.00 ? 36 U A H5     1 
ATOM 310 H H6     . U A 1 10 ? 2.683   -10.044 13.207  1.00 0.00 ? 36 U A H6     1 
ATOM 311 P P      . A A 1 11 ? 5.148   -5.102  9.990   1.00 0.00 ? 37 A A P      1 
ATOM 312 O OP1    . A A 1 11 ? 6.548   -4.864  10.407  1.00 0.00 ? 37 A A OP1    1 
ATOM 313 O OP2    . A A 1 11 ? 4.245   -3.942  9.818   1.00 0.00 ? 37 A A OP2    1 
ATOM 314 O "O5'"  . A A 1 11 ? 5.197   -5.972  8.631   1.00 0.00 ? 37 A A "O5'"  1 
ATOM 315 C "C5'"  . A A 1 11 ? 5.884   -7.181  8.436   1.00 0.00 ? 37 A A "C5'"  1 
ATOM 316 C "C4'"  . A A 1 11 ? 4.917   -7.902  7.488   1.00 0.00 ? 37 A A "C4'"  1 
ATOM 317 O "O4'"  . A A 1 11 ? 3.609   -7.635  7.976   1.00 0.00 ? 37 A A "O4'"  1 
ATOM 318 C "C3'"  . A A 1 11 ? 4.939   -7.393  6.048   1.00 0.00 ? 37 A A "C3'"  1 
ATOM 319 O "O3'"  . A A 1 11 ? 5.764   -8.257  5.277   1.00 0.00 ? 37 A A "O3'"  1 
ATOM 320 C "C2'"  . A A 1 11 ? 3.474   -7.390  5.675   1.00 0.00 ? 37 A A "C2'"  1 
ATOM 321 O "O2'"  . A A 1 11 ? 3.170   -8.428  4.793   1.00 0.00 ? 37 A A "O2'"  1 
ATOM 322 C "C1'"  . A A 1 11 ? 2.669   -7.570  6.929   1.00 0.00 ? 37 A A "C1'"  1 
ATOM 323 N N9     . A A 1 11 ? 1.791   -6.407  6.991   1.00 0.00 ? 37 A A N9     1 
ATOM 324 C C8     . A A 1 11 ? 2.042   -5.241  7.615   1.00 0.00 ? 37 A A C8     1 
ATOM 325 N N7     . A A 1 11 ? 1.157   -4.305  7.397   1.00 0.00 ? 37 A A N7     1 
ATOM 326 C C5     . A A 1 11 ? 0.273   -4.909  6.500   1.00 0.00 ? 37 A A C5     1 
ATOM 327 C C6     . A A 1 11 ? -0.839  -4.440  5.781   1.00 0.00 ? 37 A A C6     1 
ATOM 328 N N6     . A A 1 11 ? -1.342  -3.207  5.923   1.00 0.00 ? 37 A A N6     1 
ATOM 329 N N1     . A A 1 11 ? -1.373  -5.264  4.865   1.00 0.00 ? 37 A A N1     1 
ATOM 330 C C2     . A A 1 11 ? -0.862  -6.478  4.701   1.00 0.00 ? 37 A A C2     1 
ATOM 331 N N3     . A A 1 11 ? 0.145   -7.050  5.336   1.00 0.00 ? 37 A A N3     1 
ATOM 332 C C4     . A A 1 11 ? 0.668   -6.192  6.237   1.00 0.00 ? 37 A A C4     1 
ATOM 333 H "H5'"  . A A 1 11 ? 6.036   -7.727  9.364   1.00 0.00 ? 37 A A "H5'"  1 
ATOM 334 H "H5''" . A A 1 11 ? 6.846   -7.008  7.953   1.00 0.00 ? 37 A A "H5''" 1 
ATOM 335 H "H4'"  . A A 1 11 ? 5.099   -8.977  7.485   1.00 0.00 ? 37 A A "H4'"  1 
ATOM 336 H "H3'"  . A A 1 11 ? 5.199   -6.342  5.954   1.00 0.00 ? 37 A A "H3'"  1 
ATOM 337 H "H2'"  . A A 1 11 ? 3.223   -6.383  5.370   1.00 0.00 ? 37 A A "H2'"  1 
ATOM 338 H "HO2'" . A A 1 11 ? 2.228   -8.403  4.607   1.00 0.00 ? 37 A A "HO2'" 1 
ATOM 339 H "H1'"  . A A 1 11 ? 1.961   -8.369  6.916   1.00 0.00 ? 37 A A "H1'"  1 
ATOM 340 H H8     . A A 1 11 ? 2.950   -5.208  8.178   1.00 0.00 ? 37 A A H8     1 
ATOM 341 H H61    . A A 1 11 ? -2.129  -2.915  5.362   1.00 0.00 ? 37 A A H61    1 
ATOM 342 H H62    . A A 1 11 ? -0.935  -2.569  6.591   1.00 0.00 ? 37 A A H62    1 
ATOM 343 H H2     . A A 1 11 ? -1.296  -7.091  3.924   1.00 0.00 ? 37 A A H2     1 
ATOM 344 P P      . A A 1 12 ? 6.409   -7.846  3.845   1.00 0.00 ? 38 A A P      1 
ATOM 345 O OP1    . A A 1 12 ? 7.621   -8.670  3.643   1.00 0.00 ? 38 A A OP1    1 
ATOM 346 O OP2    . A A 1 12 ? 6.514   -6.371  3.780   1.00 0.00 ? 38 A A OP2    1 
ATOM 347 O "O5'"  . A A 1 12 ? 5.319   -8.314  2.759   1.00 0.00 ? 38 A A "O5'"  1 
ATOM 348 C "C5'"  . A A 1 12 ? 5.206   -9.659  2.350   1.00 0.00 ? 38 A A "C5'"  1 
ATOM 349 C "C4'"  . A A 1 12 ? 3.856   -9.850  1.667   1.00 0.00 ? 38 A A "C4'"  1 
ATOM 350 O "O4'"  . A A 1 12 ? 2.830   -9.362  2.522   1.00 0.00 ? 38 A A "O4'"  1 
ATOM 351 C "C3'"  . A A 1 12 ? 3.663   -9.105  0.356   1.00 0.00 ? 38 A A "C3'"  1 
ATOM 352 O "O3'"  . A A 1 12 ? 4.238   -9.838  -0.732  1.00 0.00 ? 38 A A "O3'"  1 
ATOM 353 C "C2'"  . A A 1 12 ? 2.133   -9.015  0.304   1.00 0.00 ? 38 A A "C2'"  1 
ATOM 354 O "O2'"  . A A 1 12 ? 1.588   -10.216 -0.198  1.00 0.00 ? 38 A A "O2'"  1 
ATOM 355 C "C1'"  . A A 1 12 ? 1.746   -8.832  1.772   1.00 0.00 ? 38 A A "C1'"  1 
ATOM 356 N N9     . A A 1 12 ? 1.476   -7.440  2.058   1.00 0.00 ? 38 A A N9     1 
ATOM 357 C C8     . A A 1 12 ? 2.356   -6.508  2.521   1.00 0.00 ? 38 A A C8     1 
ATOM 358 N N7     . A A 1 12 ? 1.796   -5.327  2.594   1.00 0.00 ? 38 A A N7     1 
ATOM 359 C C5     . A A 1 12 ? 0.518   -5.509  2.047   1.00 0.00 ? 38 A A C5     1 
ATOM 360 C C6     . A A 1 12 ? -0.565  -4.642  1.821   1.00 0.00 ? 38 A A C6     1 
ATOM 361 N N6     . A A 1 12 ? -0.612  -3.366  2.226   1.00 0.00 ? 38 A A N6     1 
ATOM 362 N N1     . A A 1 12 ? -1.591  -5.145  1.126   1.00 0.00 ? 38 A A N1     1 
ATOM 363 C C2     . A A 1 12 ? -1.604  -6.403  0.717   1.00 0.00 ? 38 A A C2     1 
ATOM 364 N N3     . A A 1 12 ? -0.688  -7.333  0.935   1.00 0.00 ? 38 A A N3     1 
ATOM 365 C C4     . A A 1 12 ? 0.355   -6.799  1.615   1.00 0.00 ? 38 A A C4     1 
ATOM 366 H H1     . A A 1 12 ? -2.374  -4.549  0.902   1.00 0.00 ? 38 A A H1     1 
ATOM 367 H "H5'"  . A A 1 12 ? 5.240   -10.304 3.228   1.00 0.00 ? 38 A A "H5'"  1 
ATOM 368 H "H5''" . A A 1 12 ? 6.011   -9.921  1.664   1.00 0.00 ? 38 A A "H5''" 1 
ATOM 369 H "H4'"  . A A 1 12 ? 3.668   -10.920 1.498   1.00 0.00 ? 38 A A "H4'"  1 
ATOM 370 H "H3'"  . A A 1 12 ? 4.112   -8.107  0.456   1.00 0.00 ? 38 A A "H3'"  1 
ATOM 371 H "H2'"  . A A 1 12 ? 1.795   -8.152  -0.274  1.00 0.00 ? 38 A A "H2'"  1 
ATOM 372 H "HO2'" . A A 1 12 ? 0.618   -10.166 -0.167  1.00 0.00 ? 38 A A "HO2'" 1 
ATOM 373 H "H1'"  . A A 1 12 ? 0.858   -9.393  2.085   1.00 0.00 ? 38 A A "H1'"  1 
ATOM 374 H H8     . A A 1 12 ? 3.368   -6.725  2.828   1.00 0.00 ? 38 A A H8     1 
ATOM 375 H H61    . A A 1 12 ? -1.438  -2.813  2.040   1.00 0.00 ? 38 A A H61    1 
ATOM 376 H H62    . A A 1 12 ? 0.164   -2.965  2.736   1.00 0.00 ? 38 A A H62    1 
ATOM 377 H H2     . A A 1 12 ? -2.476  -6.708  0.151   1.00 0.00 ? 38 A A H2     1 
ATOM 378 P P      . U A 1 13 ? 4.489   -8.917  -2.046  1.00 0.00 ? 39 U A P      1 
ATOM 379 O OP1    . U A 1 13 ? 4.889   -9.822  -3.148  1.00 0.00 ? 39 U A OP1    1 
ATOM 380 O OP2    . U A 1 13 ? 5.398   -7.816  -1.657  1.00 0.00 ? 39 U A OP2    1 
ATOM 381 O "O5'"  . U A 1 13 ? 3.077   -8.258  -2.454  1.00 0.00 ? 39 U A "O5'"  1 
ATOM 382 C "C5'"  . U A 1 13 ? 2.151   -8.950  -3.260  1.00 0.00 ? 39 U A "C5'"  1 
ATOM 383 C "C4'"  . U A 1 13 ? 0.927   -8.071  -3.521  1.00 0.00 ? 39 U A "C4'"  1 
ATOM 384 O "O4'"  . U A 1 13 ? 0.359   -7.620  -2.306  1.00 0.00 ? 39 U A "O4'"  1 
ATOM 385 C "C3'"  . U A 1 13 ? 1.200   -6.812  -4.343  1.00 0.00 ? 39 U A "C3'"  1 
ATOM 386 O "O3'"  . U A 1 13 ? 1.309   -7.079  -5.728  1.00 0.00 ? 39 U A "O3'"  1 
ATOM 387 C "C2'"  . U A 1 13 ? -0.044  -6.027  -4.000  1.00 0.00 ? 39 U A "C2'"  1 
ATOM 388 O "O2'"  . U A 1 13 ? -1.135  -6.410  -4.807  1.00 0.00 ? 39 U A "O2'"  1 
ATOM 389 C "C1'"  . U A 1 13 ? -0.314  -6.395  -2.551  1.00 0.00 ? 39 U A "C1'"  1 
ATOM 390 N N1     . U A 1 13 ? 0.190   -5.279  -1.706  1.00 0.00 ? 39 U A N1     1 
ATOM 391 C C2     . U A 1 13 ? -0.642  -4.184  -1.516  1.00 0.00 ? 39 U A C2     1 
ATOM 392 O O2     . U A 1 13 ? -1.769  -4.110  -2.004  1.00 0.00 ? 39 U A O2     1 
ATOM 393 N N3     . U A 1 13 ? -0.129  -3.147  -0.752  1.00 0.00 ? 39 U A N3     1 
ATOM 394 C C4     . U A 1 13 ? 1.124   -3.103  -0.160  1.00 0.00 ? 39 U A C4     1 
ATOM 395 O O4     . U A 1 13 ? 1.464   -2.141  0.525   1.00 0.00 ? 39 U A O4     1 
ATOM 396 C C5     . U A 1 13 ? 1.936   -4.261  -0.440  1.00 0.00 ? 39 U A C5     1 
ATOM 397 C C6     . U A 1 13 ? 1.463   -5.271  -1.202  1.00 0.00 ? 39 U A C6     1 
ATOM 398 H "H5'"  . U A 1 13 ? 1.839   -9.860  -2.748  1.00 0.00 ? 39 U A "H5'"  1 
ATOM 399 H "H5''" . U A 1 13 ? 2.614   -9.212  -4.211  1.00 0.00 ? 39 U A "H5''" 1 
ATOM 400 H "H4'"  . U A 1 13 ? 0.178   -8.659  -4.052  1.00 0.00 ? 39 U A "H4'"  1 
ATOM 401 H "H3'"  . U A 1 13 ? 2.047   -6.226  -3.984  1.00 0.00 ? 39 U A "H3'"  1 
ATOM 402 H "H2'"  . U A 1 13 ? 0.189   -4.977  -4.051  1.00 0.00 ? 39 U A "H2'"  1 
ATOM 403 H "HO2'" . U A 1 13 ? -1.306  -7.344  -4.671  1.00 0.00 ? 39 U A "HO2'" 1 
ATOM 404 H "H1'"  . U A 1 13 ? -1.382  -6.558  -2.413  1.00 0.00 ? 39 U A "H1'"  1 
ATOM 405 H H3     . U A 1 13 ? -0.726  -2.342  -0.629  1.00 0.00 ? 39 U A H3     1 
ATOM 406 H H5     . U A 1 13 ? 2.925   -4.347  -0.006  1.00 0.00 ? 39 U A H5     1 
ATOM 407 H H6     . U A 1 13 ? 2.151   -6.056  -1.451  1.00 0.00 ? 39 U A H6     1 
ATOM 408 P P      . C A 1 14 ? 1.879   -5.969  -6.757  1.00 0.00 ? 40 C A P      1 
ATOM 409 O OP1    . C A 1 14 ? 1.931   -6.581  -8.104  1.00 0.00 ? 40 C A OP1    1 
ATOM 410 O OP2    . C A 1 14 ? 3.110   -5.391  -6.171  1.00 0.00 ? 40 C A OP2    1 
ATOM 411 O "O5'"  . C A 1 14 ? 0.753   -4.816  -6.784  1.00 0.00 ? 40 C A "O5'"  1 
ATOM 412 C "C5'"  . C A 1 14 ? -0.394  -4.940  -7.595  1.00 0.00 ? 40 C A "C5'"  1 
ATOM 413 C "C4'"  . C A 1 14 ? -1.333  -3.757  -7.360  1.00 0.00 ? 40 C A "C4'"  1 
ATOM 414 O "O4'"  . C A 1 14 ? -1.579  -3.568  -5.977  1.00 0.00 ? 40 C A "O4'"  1 
ATOM 415 C "C3'"  . C A 1 14 ? -0.778  -2.422  -7.844  1.00 0.00 ? 40 C A "C3'"  1 
ATOM 416 O "O3'"  . C A 1 14 ? -0.864  -2.263  -9.247  1.00 0.00 ? 40 C A "O3'"  1 
ATOM 417 C "C2'"  . C A 1 14 ? -1.724  -1.493  -7.103  1.00 0.00 ? 40 C A "C2'"  1 
ATOM 418 O "O2'"  . C A 1 14 ? -2.977  -1.451  -7.750  1.00 0.00 ? 40 C A "O2'"  1 
ATOM 419 C "C1'"  . C A 1 14 ? -1.892  -2.199  -5.761  1.00 0.00 ? 40 C A "C1'"  1 
ATOM 420 N N1     . C A 1 14 ? -0.992  -1.562  -4.759  1.00 0.00 ? 40 C A N1     1 
ATOM 421 C C2     . C A 1 14 ? -1.459  -0.422  -4.108  1.00 0.00 ? 40 C A C2     1 
ATOM 422 O O2     . C A 1 14 ? -2.576  0.033   -4.344  1.00 0.00 ? 40 C A O2     1 
ATOM 423 N N3     . C A 1 14 ? -0.648  0.191   -3.208  1.00 0.00 ? 40 C A N3     1 
ATOM 424 C C4     . C A 1 14 ? 0.591   -0.252  -2.971  1.00 0.00 ? 40 C A C4     1 
ATOM 425 N N4     . C A 1 14 ? 1.346   0.379   -2.062  1.00 0.00 ? 40 C A N4     1 
ATOM 426 C C5     . C A 1 14 ? 1.115   -1.379  -3.681  1.00 0.00 ? 40 C A C5     1 
ATOM 427 C C6     . C A 1 14 ? 0.292   -2.001  -4.550  1.00 0.00 ? 40 C A C6     1 
ATOM 428 H "H5'"  . C A 1 14 ? -0.914  -5.866  -7.348  1.00 0.00 ? 40 C A "H5'"  1 
ATOM 429 H "H5''" . C A 1 14 ? -0.100  -4.968  -8.644  1.00 0.00 ? 40 C A "H5''" 1 
ATOM 430 H "H4'"  . C A 1 14 ? -2.279  -3.952  -7.866  1.00 0.00 ? 40 C A "H4'"  1 
ATOM 431 H "H3'"  . C A 1 14 ? 0.241   -2.282  -7.487  1.00 0.00 ? 40 C A "H3'"  1 
ATOM 432 H "H2'"  . C A 1 14 ? -1.315  -0.494  -6.986  1.00 0.00 ? 40 C A "H2'"  1 
ATOM 433 H "HO2'" . C A 1 14 ? -2.844  -1.156  -8.653  1.00 0.00 ? 40 C A "HO2'" 1 
ATOM 434 H "H1'"  . C A 1 14 ? -2.939  -2.134  -5.460  1.00 0.00 ? 40 C A "H1'"  1 
ATOM 435 H H41    . C A 1 14 ? 0.976   1.173   -1.558  1.00 0.00 ? 40 C A H41    1 
ATOM 436 H H42    . C A 1 14 ? 2.286   0.058   -1.877  1.00 0.00 ? 40 C A H42    1 
ATOM 437 H H5     . C A 1 14 ? 2.127   -1.733  -3.560  1.00 0.00 ? 40 C A H5     1 
ATOM 438 H H6     . C A 1 14 ? 0.697   -2.855  -5.074  1.00 0.00 ? 40 C A H6     1 
ATOM 439 P P      . U A 1 15 ? 0.059   -1.189  -10.030 1.00 0.00 ? 41 U A P      1 
ATOM 440 O OP1    . U A 1 15 ? -0.232  -1.310  -11.476 1.00 0.00 ? 41 U A OP1    1 
ATOM 441 O OP2    . U A 1 15 ? 1.451   -1.350  -9.554  1.00 0.00 ? 41 U A OP2    1 
ATOM 442 O "O5'"  . U A 1 15 ? -0.465  0.257   -9.545  1.00 0.00 ? 41 U A "O5'"  1 
ATOM 443 C "C5'"  . U A 1 15 ? -1.557  0.882   -10.183 1.00 0.00 ? 41 U A "C5'"  1 
ATOM 444 C "C4'"  . U A 1 15 ? -1.869  2.239   -9.547  1.00 0.00 ? 41 U A "C4'"  1 
ATOM 445 O "O4'"  . U A 1 15 ? -2.087  2.122   -8.152  1.00 0.00 ? 41 U A "O4'"  1 
ATOM 446 C "C3'"  . U A 1 15 ? -0.762  3.279   -9.697  1.00 0.00 ? 41 U A "C3'"  1 
ATOM 447 O "O3'"  . U A 1 15 ? -0.733  3.827   -11.001 1.00 0.00 ? 41 U A "O3'"  1 
ATOM 448 C "C2'"  . U A 1 15 ? -1.224  4.271   -8.640  1.00 0.00 ? 41 U A "C2'"  1 
ATOM 449 O "O2'"  . U A 1 15 ? -2.299  5.053   -9.115  1.00 0.00 ? 41 U A "O2'"  1 
ATOM 450 C "C1'"  . U A 1 15 ? -1.739  3.355   -7.534  1.00 0.00 ? 41 U A "C1'"  1 
ATOM 451 N N1     . U A 1 15 ? -0.688  3.175   -6.493  1.00 0.00 ? 41 U A N1     1 
ATOM 452 C C2     . U A 1 15 ? -0.612  4.122   -5.478  1.00 0.00 ? 41 U A C2     1 
ATOM 453 O O2     . U A 1 15 ? -1.305  5.139   -5.450  1.00 0.00 ? 41 U A O2     1 
ATOM 454 N N3     . U A 1 15 ? 0.308   3.868   -4.472  1.00 0.00 ? 41 U A N3     1 
ATOM 455 C C4     . U A 1 15 ? 1.191   2.804   -4.415  1.00 0.00 ? 41 U A C4     1 
ATOM 456 O O4     . U A 1 15 ? 1.961   2.673   -3.466  1.00 0.00 ? 41 U A O4     1 
ATOM 457 C C5     . U A 1 15 ? 1.111   1.925   -5.552  1.00 0.00 ? 41 U A C5     1 
ATOM 458 C C6     . U A 1 15 ? 0.202   2.129   -6.528  1.00 0.00 ? 41 U A C6     1 
ATOM 459 H "H5'"  . U A 1 15 ? -2.436  0.243   -10.106 1.00 0.00 ? 41 U A "H5'"  1 
ATOM 460 H "H5''" . U A 1 15 ? -1.320  1.030   -11.236 1.00 0.00 ? 41 U A "H5''" 1 
ATOM 461 H "H4'"  . U A 1 15 ? -2.773  2.631   -10.010 1.00 0.00 ? 41 U A "H4'"  1 
ATOM 462 H "H3'"  . U A 1 15 ? 0.209   2.876   -9.410  1.00 0.00 ? 41 U A "H3'"  1 
ATOM 463 H "H2'"  . U A 1 15 ? -0.423  4.908   -8.283  1.00 0.00 ? 41 U A "H2'"  1 
ATOM 464 H "HO2'" . U A 1 15 ? -3.070  4.493   -9.220  1.00 0.00 ? 41 U A "HO2'" 1 
ATOM 465 H "H1'"  . U A 1 15 ? -2.641  3.792   -7.104  1.00 0.00 ? 41 U A "H1'"  1 
ATOM 466 H H3     . U A 1 15 ? 0.355   4.541   -3.720  1.00 0.00 ? 41 U A H3     1 
ATOM 467 H H5     . U A 1 15 ? 1.788   1.086   -5.623  1.00 0.00 ? 41 U A H5     1 
ATOM 468 H H6     . U A 1 15 ? 0.223   1.432   -7.348  1.00 0.00 ? 41 U A H6     1 
ATOM 469 P P      . G A 1 16 ? 0.529   4.686   -11.535 1.00 0.00 ? 42 G A P      1 
ATOM 470 O OP1    . G A 1 16 ? 0.320   4.961   -12.973 1.00 0.00 ? 42 G A OP1    1 
ATOM 471 O OP2    . G A 1 16 ? 1.772   4.017   -11.091 1.00 0.00 ? 42 G A OP2    1 
ATOM 472 O "O5'"  . G A 1 16 ? 0.399   6.081   -10.744 1.00 0.00 ? 42 G A "O5'"  1 
ATOM 473 C "C5'"  . G A 1 16 ? -0.601  7.006   -11.098 1.00 0.00 ? 42 G A "C5'"  1 
ATOM 474 C "C4'"  . G A 1 16 ? -0.689  8.082   -10.021 1.00 0.00 ? 42 G A "C4'"  1 
ATOM 475 O "O4'"  . G A 1 16 ? -0.541  7.513   -8.737  1.00 0.00 ? 42 G A "O4'"  1 
ATOM 476 C "C3'"  . G A 1 16 ? 0.382   9.158   -10.132 1.00 0.00 ? 42 G A "C3'"  1 
ATOM 477 O "O3'"  . G A 1 16 ? 0.015   10.099  -11.117 1.00 0.00 ? 42 G A "O3'"  1 
ATOM 478 C "C2'"  . G A 1 16 ? 0.316   9.734   -8.726  1.00 0.00 ? 42 G A "C2'"  1 
ATOM 479 O "O2'"  . G A 1 16 ? -0.778  10.617  -8.606  1.00 0.00 ? 42 G A "O2'"  1 
ATOM 480 C "C1'"  . G A 1 16 ? 0.053   8.481   -7.891  1.00 0.00 ? 42 G A "C1'"  1 
ATOM 481 N N9     . G A 1 16 ? 1.314   7.968   -7.333  1.00 0.00 ? 42 G A N9     1 
ATOM 482 C C8     . G A 1 16 ? 1.993   6.825   -7.653  1.00 0.00 ? 42 G A C8     1 
ATOM 483 N N7     . G A 1 16 ? 3.030   6.596   -6.899  1.00 0.00 ? 42 G A N7     1 
ATOM 484 C C5     . G A 1 16 ? 3.040   7.670   -6.014  1.00 0.00 ? 42 G A C5     1 
ATOM 485 C C6     . G A 1 16 ? 3.920   7.952   -4.937  1.00 0.00 ? 42 G A C6     1 
ATOM 486 O O6     . G A 1 16 ? 4.873   7.286   -4.537  1.00 0.00 ? 42 G A O6     1 
ATOM 487 N N1     . G A 1 16 ? 3.585   9.142   -4.309  1.00 0.00 ? 42 G A N1     1 
ATOM 488 C C2     . G A 1 16 ? 2.517   9.947   -4.643  1.00 0.00 ? 42 G A C2     1 
ATOM 489 N N2     . G A 1 16 ? 2.343   11.053  -3.908  1.00 0.00 ? 42 G A N2     1 
ATOM 490 N N3     . G A 1 16 ? 1.671   9.668   -5.641  1.00 0.00 ? 42 G A N3     1 
ATOM 491 C C4     . G A 1 16 ? 1.999   8.520   -6.280  1.00 0.00 ? 42 G A C4     1 
ATOM 492 H "H5'"  . G A 1 16 ? -1.557  6.487   -11.159 1.00 0.00 ? 42 G A "H5'"  1 
ATOM 493 H "H5''" . G A 1 16 ? -0.379  7.457   -12.064 1.00 0.00 ? 42 G A "H5''" 1 
ATOM 494 H "H4'"  . G A 1 16 ? -1.662  8.567   -10.086 1.00 0.00 ? 42 G A "H4'"  1 
ATOM 495 H "H3'"  . G A 1 16 ? 1.380   8.746   -10.308 1.00 0.00 ? 42 G A "H3'"  1 
ATOM 496 H "H2'"  . G A 1 16 ? 1.244   10.229  -8.444  1.00 0.00 ? 42 G A "H2'"  1 
ATOM 497 H "HO2'" . G A 1 16 ? -1.590  10.126  -8.743  1.00 0.00 ? 42 G A "HO2'" 1 
ATOM 498 H "H1'"  . G A 1 16 ? -0.604  8.681   -7.054  1.00 0.00 ? 42 G A "H1'"  1 
ATOM 499 H H8     . G A 1 16 ? 1.677   6.175   -8.450  1.00 0.00 ? 42 G A H8     1 
ATOM 500 H H1     . G A 1 16 ? 4.167   9.427   -3.534  1.00 0.00 ? 42 G A H1     1 
ATOM 501 H H21    . G A 1 16 ? 2.982   11.262  -3.153  1.00 0.00 ? 42 G A H21    1 
ATOM 502 H H22    . G A 1 16 ? 1.575   11.677  -4.107  1.00 0.00 ? 42 G A H22    1 
ATOM 503 P P      . A A 1 17 ? 1.133   10.820  -12.016 1.00 0.00 ? 43 A A P      1 
ATOM 504 O OP1    . A A 1 17 ? 0.466   11.805  -12.896 1.00 0.00 ? 43 A A OP1    1 
ATOM 505 O OP2    . A A 1 17 ? 1.999   9.772   -12.603 1.00 0.00 ? 43 A A OP2    1 
ATOM 506 O "O5'"  . A A 1 17 ? 1.984   11.618  -10.915 1.00 0.00 ? 43 A A "O5'"  1 
ATOM 507 C "C5'"  . A A 1 17 ? 1.544   12.861  -10.417 1.00 0.00 ? 43 A A "C5'"  1 
ATOM 508 C "C4'"  . A A 1 17 ? 2.532   13.366  -9.366  1.00 0.00 ? 43 A A "C4'"  1 
ATOM 509 O "O4'"  . A A 1 17 ? 2.588   12.478  -8.266  1.00 0.00 ? 43 A A "O4'"  1 
ATOM 510 C "C3'"  . A A 1 17 ? 3.957   13.511  -9.891  1.00 0.00 ? 43 A A "C3'"  1 
ATOM 511 O "O3'"  . A A 1 17 ? 4.167   14.773  -10.486 1.00 0.00 ? 43 A A "O3'"  1 
ATOM 512 C "C2'"  . A A 1 17 ? 4.773   13.362  -8.623  1.00 0.00 ? 43 A A "C2'"  1 
ATOM 513 O "O2'"  . A A 1 17 ? 5.063   14.621  -8.061  1.00 0.00 ? 43 A A "O2'"  1 
ATOM 514 C "C1'"  . A A 1 17 ? 3.881   12.554  -7.694  1.00 0.00 ? 43 A A "C1'"  1 
ATOM 515 N N9     . A A 1 17 ? 4.491   11.243  -7.510  1.00 0.00 ? 43 A A N9     1 
ATOM 516 C C8     . A A 1 17 ? 4.502   10.270  -8.436  1.00 0.00 ? 43 A A C8     1 
ATOM 517 N N7     . A A 1 17 ? 5.230   9.232   -8.133  1.00 0.00 ? 43 A A N7     1 
ATOM 518 C C5     . A A 1 17 ? 5.756   9.573   -6.885  1.00 0.00 ? 43 A A C5     1 
ATOM 519 C C6     . A A 1 17 ? 6.647   8.925   -6.014  1.00 0.00 ? 43 A A C6     1 
ATOM 520 N N6     . A A 1 17 ? 7.183   7.722   -6.262  1.00 0.00 ? 43 A A N6     1 
ATOM 521 N N1     . A A 1 17 ? 6.975   9.561   -4.880  1.00 0.00 ? 43 A A N1     1 
ATOM 522 C C2     . A A 1 17 ? 6.462   10.757  -4.632  1.00 0.00 ? 43 A A C2     1 
ATOM 523 N N3     . A A 1 17 ? 5.629   11.477  -5.366  1.00 0.00 ? 43 A A N3     1 
ATOM 524 C C4     . A A 1 17 ? 5.311   10.810  -6.499  1.00 0.00 ? 43 A A C4     1 
ATOM 525 H "H5'"  . A A 1 17 ? 0.559   12.744  -9.963  1.00 0.00 ? 43 A A "H5'"  1 
ATOM 526 H "H5''" . A A 1 17 ? 1.485   13.578  -11.235 1.00 0.00 ? 43 A A "H5''" 1 
ATOM 527 H "H4'"  . A A 1 17 ? 2.207   14.339  -8.996  1.00 0.00 ? 43 A A "H4'"  1 
ATOM 528 H "H3'"  . A A 1 17 ? 4.242   12.714  -10.576 1.00 0.00 ? 43 A A "H3'"  1 
ATOM 529 H "HO3'" . A A 1 17 ? 3.941   15.452  -9.847  1.00 0.00 ? 43 A A "HO3'" 1 
ATOM 530 H "H2'"  . A A 1 17 ? 5.658   12.764  -8.845  1.00 0.00 ? 43 A A "H2'"  1 
ATOM 531 H "HO2'" . A A 1 17 ? 5.544   14.485  -7.241  1.00 0.00 ? 43 A A "HO2'" 1 
ATOM 532 H "H1'"  . A A 1 17 ? 3.819   12.980  -6.722  1.00 0.00 ? 43 A A "H1'"  1 
ATOM 533 H H8     . A A 1 17 ? 3.935   10.497  -9.313  1.00 0.00 ? 43 A A H8     1 
ATOM 534 H H61    . A A 1 17 ? 7.826   7.312   -5.599  1.00 0.00 ? 43 A A H61    1 
ATOM 535 H H62    . A A 1 17 ? 6.948   7.229   -7.112  1.00 0.00 ? 43 A A H62    1 
ATOM 536 H H2     . A A 1 17 ? 6.773   11.210  -3.701  1.00 0.00 ? 43 A A H2     1 
# 
